data_5ITU
#
_entry.id   5ITU
#
_cell.length_a   73.701
_cell.length_b   109.290
_cell.length_c   171.881
_cell.angle_alpha   90.00
_cell.angle_beta   90.00
_cell.angle_gamma   90.00
#
_symmetry.space_group_name_H-M   'P 21 21 21'
#
loop_
_entity.id
_entity.type
_entity.pdbx_description
1 polymer 'Endonuclease 8-like 1'
2 polymer "DNA (5'-D(*CP*GP*TP*CP*CP*AP*CP*GP*TP*CP*TP*AP*C)-3')"
3 polymer "DNA (5'-D(*TP*AP*GP*AP*CP*CP*TP*GP*GP*AP*CP*GP*G)-3')"
4 water water
#
loop_
_entity_poly.entity_id
_entity_poly.type
_entity_poly.pdbx_seq_one_letter_code
_entity_poly.pdbx_strand_id
1 'polypeptide(L)'
;MPEGPELHLASQFVNEACRALVFGGCVEKSSVSRNPEVPFESSAYRISASARGKELRLILSPLPGAQPQQEPLALVFRFG
MSGSFQLVPREELPRHAHLRFYTAPPGPRLALCFVDIRRFGRWDLGGKWQPGRGPCVLQEYQQFRENVLRNLADKAFDRP
ICEALLDQRFFNGIGNYLRAEILYRLKIPPFEKARSVLEALQQHRPSPELTLSQKIRTKLQNPDLLELCHSVPKEVVQLG
GKGYGSESGEEDFAAFRAWLRCYGMPGMSSLQDRHGRTIWFQGDPGPLAPKGRKSRKKKSKATQLSPEDRVEDALPPSKA
PSRTRRAKRDLPKRTATQRPEGTSLQQDPEAPTVPKKGRRKGRQAASGHCRPRKVKADIPSLEPEGTSASAALGHHHHHH
;
A,B,C
2 'polydeoxyribonucleotide' (DC)(DG)(DT)(DC)(DC)(DA)(DC)(DG)(DT)(DC)(DT)(DA)(DC) D,F,H
3 'polydeoxyribonucleotide' (DT)(DA)(DG)(DA)(DC)(DC)(DT)(DG)(DG)(DA)(DC)(DG)(DG) E,G,I
#
# COMPACT_ATOMS: atom_id res chain seq x y z
N PRO A 2 28.05 -1.17 1.41
CA PRO A 2 26.76 -0.59 1.23
C PRO A 2 25.89 -1.45 0.29
N GLU A 3 26.08 -2.78 0.30
CA GLU A 3 25.04 -3.68 -0.22
C GLU A 3 24.32 -4.40 0.90
N GLY A 4 23.40 -5.31 0.50
CA GLY A 4 22.48 -5.93 1.49
C GLY A 4 23.25 -6.55 2.65
N PRO A 5 24.31 -7.28 2.35
CA PRO A 5 25.07 -7.88 3.48
C PRO A 5 25.61 -6.83 4.49
N GLU A 6 26.10 -5.71 3.98
CA GLU A 6 26.69 -4.67 4.84
C GLU A 6 25.57 -3.98 5.66
N LEU A 7 24.47 -3.64 5.01
CA LEU A 7 23.30 -3.07 5.75
C LEU A 7 22.90 -4.05 6.84
N HIS A 8 22.87 -5.33 6.50
CA HIS A 8 22.44 -6.27 7.52
C HIS A 8 23.49 -6.32 8.65
N LEU A 9 24.77 -6.42 8.28
CA LEU A 9 25.84 -6.40 9.33
C LEU A 9 25.85 -5.14 10.18
N ALA A 10 25.63 -4.00 9.54
CA ALA A 10 25.56 -2.79 10.27
C ALA A 10 24.35 -2.84 11.34
N SER A 11 23.22 -3.44 10.97
CA SER A 11 22.12 -3.48 11.92
C SER A 11 22.46 -4.47 13.04
N GLN A 12 23.18 -5.51 12.75
CA GLN A 12 23.50 -6.37 13.88
C GLN A 12 24.53 -5.61 14.73
N PHE A 13 25.29 -4.72 14.12
CA PHE A 13 26.33 -4.14 14.88
C PHE A 13 25.68 -3.15 15.88
N VAL A 14 24.70 -2.39 15.40
CA VAL A 14 23.96 -1.49 16.23
C VAL A 14 23.28 -2.24 17.36
N ASN A 15 22.71 -3.39 17.06
CA ASN A 15 22.02 -4.13 18.08
C ASN A 15 22.99 -4.66 19.12
N GLU A 16 24.10 -5.23 18.73
CA GLU A 16 25.01 -5.79 19.74
C GLU A 16 25.75 -4.71 20.54
N ALA A 17 26.22 -3.68 19.85
CA ALA A 17 27.09 -2.71 20.49
C ALA A 17 26.23 -1.83 21.37
N CYS A 18 24.96 -1.66 21.03
CA CYS A 18 24.10 -0.84 21.87
C CYS A 18 23.29 -1.69 22.85
N ARG A 19 23.55 -3.00 22.89
CA ARG A 19 22.76 -3.81 23.82
C ARG A 19 22.68 -3.27 25.22
N ALA A 20 23.76 -2.75 25.75
CA ALA A 20 23.76 -2.32 27.12
C ALA A 20 23.99 -0.84 27.20
N LEU A 21 23.77 -0.08 26.13
CA LEU A 21 23.94 1.38 26.31
C LEU A 21 22.65 2.08 26.51
N VAL A 22 22.70 3.20 27.20
CA VAL A 22 21.56 4.09 27.26
C VAL A 22 22.01 5.41 26.66
N PHE A 23 21.28 5.93 25.71
CA PHE A 23 21.50 7.25 25.14
C PHE A 23 20.64 8.32 25.78
N GLY A 24 21.10 9.59 25.67
CA GLY A 24 20.44 10.76 26.23
C GLY A 24 20.68 12.02 25.44
N GLY A 25 19.72 12.95 25.47
CA GLY A 25 20.01 14.27 24.89
C GLY A 25 19.46 14.28 23.49
N CYS A 26 20.00 15.15 22.63
CA CYS A 26 19.50 15.37 21.28
CA CYS A 26 19.46 15.31 21.30
C CYS A 26 20.15 14.41 20.29
N VAL A 27 19.56 14.37 19.08
CA VAL A 27 20.20 13.70 17.96
C VAL A 27 20.89 14.75 17.08
N GLU A 28 22.20 14.65 16.96
CA GLU A 28 22.96 15.73 16.35
C GLU A 28 23.43 15.45 14.96
N LYS A 29 23.14 16.39 14.08
CA LYS A 29 23.49 16.35 12.69
C LYS A 29 24.69 17.31 12.40
N SER A 30 25.68 16.81 11.65
CA SER A 30 26.76 17.69 11.17
C SER A 30 26.14 18.76 10.33
N SER A 31 26.76 19.89 10.46
CA SER A 31 26.54 21.05 9.68
C SER A 31 26.43 20.85 8.16
N VAL A 32 27.39 20.21 7.56
CA VAL A 32 27.37 20.14 6.12
C VAL A 32 26.27 19.16 5.52
N SER A 33 25.61 18.31 6.32
CA SER A 33 24.65 17.34 5.79
C SER A 33 23.32 17.96 5.32
N ARG A 34 22.89 17.64 4.10
CA ARG A 34 21.63 18.12 3.55
C ARG A 34 20.42 17.26 4.01
N ASN A 35 20.67 16.28 4.87
CA ASN A 35 19.58 15.45 5.39
C ASN A 35 18.77 16.16 6.49
N PRO A 36 17.58 15.68 6.79
CA PRO A 36 16.84 16.53 7.73
C PRO A 36 17.36 16.38 9.13
N GLU A 37 17.16 17.38 9.97
CA GLU A 37 17.36 17.30 11.40
C GLU A 37 16.38 16.33 12.00
N VAL A 38 16.82 15.60 13.01
CA VAL A 38 16.05 14.61 13.73
C VAL A 38 15.46 15.26 14.98
N PRO A 39 14.18 15.66 14.93
CA PRO A 39 13.69 16.32 16.15
C PRO A 39 13.41 15.19 17.14
N PHE A 40 14.27 15.02 18.11
CA PHE A 40 14.05 13.93 19.04
C PHE A 40 15.00 14.21 20.17
N GLU A 41 14.45 14.26 21.39
CA GLU A 41 15.18 14.42 22.62
C GLU A 41 14.60 13.53 23.71
N SER A 42 15.46 12.79 24.40
CA SER A 42 15.01 12.02 25.56
C SER A 42 16.21 11.84 26.47
N SER A 43 15.97 11.81 27.77
CA SER A 43 17.03 11.75 28.74
C SER A 43 17.55 10.35 28.92
N ALA A 44 16.77 9.35 28.58
CA ALA A 44 17.27 8.00 28.61
C ALA A 44 16.52 7.24 27.48
N TYR A 45 17.24 6.77 26.43
CA TYR A 45 16.68 6.02 25.33
C TYR A 45 17.67 4.97 24.76
N ARG A 46 17.09 3.92 24.17
CA ARG A 46 17.80 2.76 23.66
C ARG A 46 17.61 2.70 22.15
N ILE A 47 18.57 2.06 21.49
CA ILE A 47 18.62 2.10 20.07
C ILE A 47 18.70 0.70 19.60
N SER A 48 17.86 0.42 18.59
CA SER A 48 17.85 -0.90 17.97
C SER A 48 17.75 -0.79 16.43
N ALA A 49 18.02 -1.86 15.71
CA ALA A 49 17.91 -1.70 14.29
C ALA A 49 17.41 -2.96 13.56
N SER A 50 17.01 -2.76 12.32
CA SER A 50 16.78 -3.92 11.48
C SER A 50 17.08 -3.51 10.07
N ALA A 51 17.45 -4.45 9.24
CA ALA A 51 17.75 -4.12 7.86
C ALA A 51 16.66 -4.74 6.98
N ARG A 52 16.47 -4.11 5.85
CA ARG A 52 15.71 -4.71 4.79
C ARG A 52 16.33 -4.33 3.47
N GLY A 53 16.87 -5.29 2.71
CA GLY A 53 17.43 -4.90 1.46
C GLY A 53 18.64 -3.99 1.72
N LYS A 54 18.67 -2.90 0.95
CA LYS A 54 19.72 -1.90 1.04
C LYS A 54 19.27 -0.75 1.97
N GLU A 55 18.37 -1.01 2.93
CA GLU A 55 17.99 0.08 3.83
C GLU A 55 18.15 -0.41 5.26
N LEU A 56 18.25 0.51 6.21
CA LEU A 56 18.36 0.06 7.60
C LEU A 56 17.46 0.91 8.40
N ARG A 57 16.82 0.34 9.39
CA ARG A 57 15.94 1.21 10.19
C ARG A 57 16.45 1.32 11.64
N LEU A 58 16.51 2.51 12.21
CA LEU A 58 16.86 2.56 13.59
C LEU A 58 15.63 2.90 14.36
N ILE A 59 15.43 2.22 15.49
CA ILE A 59 14.39 2.67 16.39
C ILE A 59 14.92 3.30 17.70
N LEU A 60 14.55 4.54 17.99
CA LEU A 60 14.95 5.23 19.23
C LEU A 60 13.85 5.06 20.25
N SER A 61 14.14 4.33 21.33
CA SER A 61 13.09 4.07 22.30
C SER A 61 13.32 4.57 23.71
N PRO A 62 12.63 5.66 24.13
CA PRO A 62 12.78 6.15 25.51
C PRO A 62 12.55 5.08 26.58
N LEU A 63 13.35 5.05 27.66
CA LEU A 63 13.01 4.15 28.79
C LEU A 63 11.76 4.66 29.53
N PRO A 64 11.14 3.81 30.39
CA PRO A 64 10.02 4.34 31.15
C PRO A 64 10.47 5.54 32.02
N GLY A 65 9.61 6.56 32.06
CA GLY A 65 9.89 7.80 32.79
C GLY A 65 10.79 8.83 32.09
N ALA A 66 11.37 8.51 30.95
CA ALA A 66 12.31 9.46 30.35
C ALA A 66 11.65 10.82 30.10
N GLN A 67 12.47 11.87 30.08
CA GLN A 67 11.95 13.22 29.86
C GLN A 67 12.61 13.84 28.65
N PRO A 68 12.08 14.98 28.20
CA PRO A 68 10.77 15.21 27.55
C PRO A 68 10.01 13.96 27.35
N GLN A 69 8.69 14.09 27.31
CA GLN A 69 7.85 13.03 26.82
C GLN A 69 8.16 12.87 25.34
N GLN A 70 8.18 11.62 24.90
CA GLN A 70 8.76 11.29 23.60
C GLN A 70 8.21 9.93 23.30
N GLU A 71 7.56 9.78 22.16
CA GLU A 71 7.20 8.45 21.66
C GLU A 71 8.39 7.90 20.87
N PRO A 72 8.47 6.55 20.72
CA PRO A 72 9.50 5.83 19.94
C PRO A 72 9.59 6.48 18.58
N LEU A 73 10.79 6.70 18.04
CA LEU A 73 10.91 7.29 16.72
C LEU A 73 11.72 6.36 15.78
N ALA A 74 11.28 6.28 14.55
CA ALA A 74 11.95 5.37 13.65
C ALA A 74 12.63 6.20 12.61
N LEU A 75 13.83 5.85 12.24
CA LEU A 75 14.50 6.55 11.12
C LEU A 75 15.03 5.52 10.12
N VAL A 76 14.95 5.84 8.84
CA VAL A 76 15.38 4.89 7.83
C VAL A 76 16.55 5.48 7.08
N PHE A 77 17.61 4.69 6.90
CA PHE A 77 18.86 5.10 6.30
C PHE A 77 19.09 4.28 5.05
N ARG A 78 19.49 4.96 3.99
CA ARG A 78 20.20 4.38 2.85
C ARG A 78 21.70 4.84 2.87
N PHE A 79 22.59 3.92 2.53
CA PHE A 79 24.02 4.18 2.82
C PHE A 79 24.75 4.79 1.63
N GLY A 80 24.19 4.81 0.44
CA GLY A 80 24.95 5.37 -0.69
C GLY A 80 26.16 4.52 -1.00
N MET A 81 27.23 5.11 -1.51
CA MET A 81 28.48 4.40 -1.79
C MET A 81 29.41 4.25 -0.58
N SER A 82 29.16 4.95 0.53
CA SER A 82 30.11 4.82 1.70
C SER A 82 29.53 4.80 3.11
N GLY A 83 28.21 4.81 3.27
CA GLY A 83 27.58 4.83 4.55
C GLY A 83 28.07 3.77 5.49
N SER A 84 28.12 4.08 6.78
CA SER A 84 28.40 3.06 7.77
C SER A 84 28.01 3.63 9.12
N PHE A 85 27.97 2.77 10.14
CA PHE A 85 27.77 3.20 11.53
C PHE A 85 29.03 2.95 12.37
N GLN A 86 29.36 3.80 13.38
CA GLN A 86 30.49 3.49 14.27
C GLN A 86 30.08 3.87 15.67
N LEU A 87 30.68 3.19 16.65
CA LEU A 87 30.47 3.51 17.99
C LEU A 87 31.85 4.06 18.33
N VAL A 88 31.97 5.36 18.64
CA VAL A 88 33.25 5.92 19.04
C VAL A 88 33.22 6.77 20.31
N PRO A 89 34.40 7.02 20.93
CA PRO A 89 34.42 7.92 22.10
C PRO A 89 33.98 9.33 21.67
N ARG A 90 33.16 9.93 22.53
CA ARG A 90 32.43 11.16 22.27
C ARG A 90 33.35 12.22 21.62
N GLU A 91 34.59 12.33 22.11
CA GLU A 91 35.49 13.38 21.61
C GLU A 91 36.48 12.91 20.56
N GLU A 92 36.25 11.74 19.98
CA GLU A 92 37.02 11.22 18.87
C GLU A 92 36.12 10.80 17.70
N LEU A 93 35.19 11.68 17.36
CA LEU A 93 34.37 11.60 16.17
C LEU A 93 35.20 11.39 14.95
N PRO A 94 34.90 10.35 14.12
CA PRO A 94 35.59 10.27 12.82
C PRO A 94 35.30 11.54 12.02
N ARG A 95 36.17 11.85 11.07
CA ARG A 95 35.97 12.96 10.13
C ARG A 95 34.52 13.16 9.51
N HIS A 96 33.88 12.11 8.94
CA HIS A 96 32.59 12.43 8.31
C HIS A 96 31.32 11.83 9.02
N ALA A 97 31.17 12.17 10.29
CA ALA A 97 30.16 11.63 11.16
C ALA A 97 29.04 12.56 10.93
N HIS A 98 28.06 12.14 10.16
CA HIS A 98 26.98 13.08 9.82
C HIS A 98 25.80 13.08 10.73
N LEU A 99 25.68 12.09 11.59
CA LEU A 99 24.56 12.03 12.49
C LEU A 99 25.09 11.32 13.68
N ARG A 100 24.76 11.81 14.85
CA ARG A 100 25.41 11.34 16.06
C ARG A 100 24.42 11.17 17.19
N PHE A 101 24.59 10.09 17.92
CA PHE A 101 23.75 9.75 19.04
C PHE A 101 24.68 9.54 20.23
N TYR A 102 24.31 10.13 21.35
CA TYR A 102 25.24 10.27 22.48
C TYR A 102 24.79 9.44 23.68
N THR A 103 25.67 8.62 24.21
CA THR A 103 25.38 7.97 25.47
C THR A 103 25.26 8.94 26.67
N ALA A 104 24.63 8.40 27.71
CA ALA A 104 24.24 9.12 28.90
C ALA A 104 25.11 8.55 30.01
N PRO A 105 25.30 9.30 31.12
CA PRO A 105 26.35 9.00 32.09
C PRO A 105 26.77 7.60 32.52
N PRO A 106 26.12 6.98 33.54
CA PRO A 106 26.92 5.90 34.22
C PRO A 106 27.76 5.10 33.19
N GLY A 107 29.06 5.40 33.08
CA GLY A 107 29.91 4.78 32.03
C GLY A 107 30.64 5.79 31.14
N PRO A 108 31.45 5.30 30.20
CA PRO A 108 32.27 6.20 29.36
C PRO A 108 31.43 6.79 28.20
N ARG A 109 31.64 8.05 27.84
CA ARG A 109 30.82 8.77 26.87
C ARG A 109 31.13 8.33 25.44
N LEU A 110 30.15 7.72 24.76
CA LEU A 110 30.39 7.22 23.40
C LEU A 110 29.43 7.93 22.44
N ALA A 111 29.74 7.84 21.17
CA ALA A 111 28.84 8.40 20.23
C ALA A 111 28.62 7.35 19.15
N LEU A 112 27.34 7.02 18.87
CA LEU A 112 27.02 6.13 17.73
C LEU A 112 26.89 7.08 16.55
N CYS A 113 27.63 6.86 15.47
CA CYS A 113 27.62 7.81 14.36
C CYS A 113 27.31 7.11 13.07
N PHE A 114 26.48 7.77 12.27
CA PHE A 114 26.34 7.43 10.87
C PHE A 114 27.47 8.17 10.16
N VAL A 115 28.40 7.44 9.59
CA VAL A 115 29.57 7.99 8.98
C VAL A 115 29.49 7.76 7.48
N ASP A 116 29.65 8.83 6.74
CA ASP A 116 29.40 8.77 5.36
C ASP A 116 30.23 9.73 4.51
N ILE A 117 31.37 9.25 3.98
CA ILE A 117 32.35 10.18 3.42
C ILE A 117 31.83 10.88 2.14
N ARG A 118 31.24 10.18 1.19
CA ARG A 118 30.78 10.85 -0.03
C ARG A 118 29.43 11.55 0.12
N ARG A 119 28.68 11.23 1.18
CA ARG A 119 27.35 11.82 1.40
C ARG A 119 26.32 11.46 0.37
N PHE A 120 26.47 10.34 -0.31
CA PHE A 120 25.37 9.85 -1.09
C PHE A 120 24.28 9.27 -0.18
N GLY A 121 24.60 9.02 1.09
CA GLY A 121 23.63 8.43 1.97
C GLY A 121 22.47 9.36 2.25
N ARG A 122 21.39 8.82 2.80
CA ARG A 122 20.20 9.59 3.02
C ARG A 122 19.53 8.97 4.20
N TRP A 123 18.85 9.78 5.02
CA TRP A 123 17.85 9.27 5.93
C TRP A 123 16.55 10.02 5.84
N ASP A 124 15.49 9.38 6.32
CA ASP A 124 14.19 10.01 6.37
C ASP A 124 13.53 9.81 7.71
N LEU A 125 12.81 10.83 8.12
CA LEU A 125 11.97 10.77 9.28
C LEU A 125 10.77 9.96 8.96
N GLY A 126 10.39 9.10 9.86
CA GLY A 126 9.13 8.47 9.59
C GLY A 126 9.19 6.98 9.53
N GLY A 127 10.35 6.38 9.34
CA GLY A 127 10.38 4.93 9.57
C GLY A 127 9.82 3.96 8.53
N LYS A 128 9.31 4.46 7.42
CA LYS A 128 8.86 3.59 6.34
C LYS A 128 9.97 3.20 5.36
N TRP A 129 9.93 1.95 4.93
CA TRP A 129 10.72 1.44 3.86
C TRP A 129 10.36 2.20 2.59
N GLN A 130 11.22 2.25 1.62
CA GLN A 130 10.97 3.15 0.53
C GLN A 130 9.86 2.54 -0.33
N PRO A 131 8.85 3.33 -0.67
CA PRO A 131 7.80 2.65 -1.40
C PRO A 131 8.46 2.18 -2.67
N GLY A 132 8.06 1.05 -3.21
CA GLY A 132 8.69 0.73 -4.46
C GLY A 132 9.88 -0.21 -4.33
N ARG A 133 10.62 -0.25 -3.20
CA ARG A 133 11.66 -1.25 -3.10
C ARG A 133 11.02 -2.67 -2.97
N GLY A 134 11.51 -3.67 -3.64
CA GLY A 134 10.97 -5.07 -3.48
C GLY A 134 11.37 -5.60 -2.11
N PRO A 135 10.95 -6.81 -1.79
CA PRO A 135 11.32 -7.42 -0.53
C PRO A 135 12.80 -7.79 -0.43
N CYS A 136 13.28 -7.92 0.81
CA CYS A 136 14.65 -8.11 1.08
C CYS A 136 15.06 -9.50 0.61
N VAL A 137 16.13 -9.60 -0.20
CA VAL A 137 16.58 -10.94 -0.65
C VAL A 137 17.18 -11.78 0.48
N LEU A 138 17.61 -11.15 1.57
CA LEU A 138 18.13 -11.99 2.70
C LEU A 138 17.03 -12.41 3.63
N GLN A 139 16.11 -11.53 3.98
CA GLN A 139 15.23 -11.79 5.05
C GLN A 139 13.83 -12.10 4.60
N GLU A 140 13.49 -11.90 3.33
CA GLU A 140 12.12 -12.17 2.85
C GLU A 140 12.24 -12.96 1.55
N TYR A 141 12.95 -14.05 1.56
CA TYR A 141 13.28 -14.69 0.31
C TYR A 141 12.05 -15.05 -0.56
N GLN A 142 11.06 -15.63 0.10
CA GLN A 142 9.95 -16.22 -0.59
C GLN A 142 9.15 -15.07 -1.28
N GLN A 143 9.00 -14.01 -0.55
CA GLN A 143 8.33 -12.88 -1.12
C GLN A 143 9.13 -12.27 -2.24
N PHE A 144 10.47 -12.25 -2.06
CA PHE A 144 11.30 -11.74 -3.08
C PHE A 144 11.11 -12.57 -4.33
N ARG A 145 11.15 -13.91 -4.19
CA ARG A 145 11.11 -14.79 -5.37
C ARG A 145 9.75 -14.60 -6.06
N GLU A 146 8.65 -14.51 -5.29
CA GLU A 146 7.34 -14.35 -5.92
C GLU A 146 7.23 -13.05 -6.68
N ASN A 147 7.65 -11.96 -6.09
CA ASN A 147 7.56 -10.67 -6.70
C ASN A 147 8.29 -10.56 -8.00
N VAL A 148 9.35 -11.30 -8.17
CA VAL A 148 10.02 -11.38 -9.47
C VAL A 148 9.20 -12.19 -10.46
N LEU A 149 8.74 -13.39 -10.09
CA LEU A 149 8.06 -14.35 -11.02
C LEU A 149 6.65 -13.97 -11.49
N ARG A 150 5.93 -13.23 -10.66
CA ARG A 150 4.61 -12.75 -10.90
C ARG A 150 4.77 -11.50 -11.75
N ASN A 151 5.98 -11.03 -12.00
CA ASN A 151 6.11 -9.76 -12.72
C ASN A 151 7.02 -9.75 -13.92
N LEU A 152 7.28 -10.88 -14.55
CA LEU A 152 8.24 -10.90 -15.63
C LEU A 152 7.79 -10.08 -16.84
N ALA A 153 6.54 -9.60 -16.84
CA ALA A 153 6.15 -8.85 -18.02
C ALA A 153 6.73 -7.43 -17.95
N ASP A 154 7.09 -6.99 -16.73
CA ASP A 154 7.62 -5.65 -16.51
C ASP A 154 8.77 -5.35 -17.39
N LYS A 155 8.75 -4.15 -17.92
CA LYS A 155 9.77 -3.69 -18.84
C LYS A 155 11.18 -3.77 -18.22
N ALA A 156 11.27 -3.83 -16.91
CA ALA A 156 12.56 -4.05 -16.26
C ALA A 156 13.20 -5.31 -16.78
N PHE A 157 12.37 -6.32 -17.15
CA PHE A 157 12.97 -7.57 -17.51
C PHE A 157 13.36 -7.67 -18.97
N ASP A 158 13.10 -6.61 -19.71
CA ASP A 158 13.60 -6.54 -21.09
C ASP A 158 15.09 -6.32 -21.16
N ARG A 159 15.67 -5.91 -20.02
CA ARG A 159 17.06 -5.55 -19.96
C ARG A 159 17.96 -6.75 -19.72
N PRO A 160 19.28 -6.56 -19.93
CA PRO A 160 20.28 -7.54 -19.51
C PRO A 160 20.10 -7.97 -18.06
N ILE A 161 20.46 -9.22 -17.77
CA ILE A 161 20.23 -9.73 -16.45
C ILE A 161 21.17 -8.98 -15.48
N CYS A 162 22.31 -8.52 -15.99
CA CYS A 162 23.21 -7.78 -15.11
C CYS A 162 22.64 -6.44 -14.69
N GLU A 163 21.92 -5.77 -15.57
CA GLU A 163 21.25 -4.48 -15.18
C GLU A 163 20.00 -4.65 -14.36
N ALA A 164 19.14 -5.60 -14.75
CA ALA A 164 17.99 -6.05 -13.94
C ALA A 164 18.33 -6.42 -12.47
N LEU A 165 19.45 -7.10 -12.23
CA LEU A 165 19.88 -7.41 -10.85
C LEU A 165 20.17 -6.19 -9.96
N LEU A 166 20.46 -5.02 -10.55
CA LEU A 166 20.61 -3.83 -9.71
C LEU A 166 19.28 -3.20 -9.42
N ASP A 167 18.21 -3.61 -10.09
CA ASP A 167 16.97 -2.81 -9.94
C ASP A 167 16.37 -3.16 -8.60
N GLN A 168 16.26 -2.23 -7.70
CA GLN A 168 15.87 -2.44 -6.31
C GLN A 168 14.35 -2.69 -6.16
N ARG A 169 13.61 -2.58 -7.27
CA ARG A 169 12.18 -2.87 -7.19
C ARG A 169 12.03 -4.40 -7.09
N PHE A 170 12.99 -5.17 -7.59
CA PHE A 170 12.86 -6.64 -7.62
C PHE A 170 14.01 -7.32 -6.93
N PHE A 171 15.19 -6.66 -6.87
CA PHE A 171 16.34 -7.22 -6.17
C PHE A 171 16.93 -6.36 -5.01
N ASN A 172 16.09 -5.94 -4.07
CA ASN A 172 16.44 -5.00 -3.01
C ASN A 172 17.54 -5.61 -2.18
N GLY A 173 18.74 -5.04 -2.27
CA GLY A 173 19.84 -5.67 -1.61
C GLY A 173 21.00 -6.01 -2.51
N ILE A 174 20.83 -6.20 -3.81
CA ILE A 174 21.92 -6.64 -4.67
C ILE A 174 22.59 -5.38 -5.24
N GLY A 175 23.95 -5.32 -5.13
CA GLY A 175 24.70 -4.24 -5.65
C GLY A 175 25.71 -4.82 -6.63
N ASN A 176 26.73 -4.04 -6.89
CA ASN A 176 27.60 -4.34 -7.97
C ASN A 176 28.50 -5.54 -7.73
N TYR A 177 28.95 -5.75 -6.50
CA TYR A 177 29.74 -6.97 -6.32
C TYR A 177 28.88 -8.17 -6.30
N LEU A 178 27.72 -8.12 -5.65
CA LEU A 178 26.86 -9.32 -5.62
C LEU A 178 26.39 -9.73 -7.02
N ARG A 179 26.04 -8.80 -7.90
CA ARG A 179 25.71 -9.29 -9.25
C ARG A 179 26.80 -10.11 -9.96
N ALA A 180 28.04 -9.68 -9.87
CA ALA A 180 29.08 -10.36 -10.60
C ALA A 180 29.23 -11.70 -9.90
N GLU A 181 29.14 -11.75 -8.57
CA GLU A 181 29.35 -13.02 -7.91
C GLU A 181 28.16 -13.99 -8.21
N ILE A 182 26.97 -13.43 -8.40
CA ILE A 182 25.83 -14.28 -8.51
C ILE A 182 25.97 -14.90 -9.88
N LEU A 183 26.29 -14.08 -10.88
CA LEU A 183 26.20 -14.49 -12.26
C LEU A 183 27.27 -15.50 -12.56
N TYR A 184 28.34 -15.38 -11.80
CA TYR A 184 29.53 -16.15 -12.05
C TYR A 184 29.33 -17.55 -11.48
N ARG A 185 28.67 -17.66 -10.35
CA ARG A 185 28.36 -19.01 -9.85
C ARG A 185 27.58 -19.86 -10.89
N LEU A 186 26.70 -19.26 -11.68
CA LEU A 186 25.92 -20.06 -12.69
C LEU A 186 26.45 -19.90 -14.10
N LYS A 187 27.49 -19.07 -14.24
CA LYS A 187 28.08 -18.81 -15.55
C LYS A 187 27.00 -18.26 -16.46
N ILE A 188 26.17 -17.36 -15.96
CA ILE A 188 25.21 -16.80 -16.88
C ILE A 188 25.86 -15.60 -17.55
N PRO A 189 25.82 -15.53 -18.88
CA PRO A 189 26.34 -14.28 -19.42
C PRO A 189 25.60 -13.05 -18.91
N PRO A 190 26.36 -12.05 -18.42
CA PRO A 190 25.82 -10.88 -17.81
C PRO A 190 24.85 -10.20 -18.73
N PHE A 191 25.07 -10.36 -20.02
CA PHE A 191 24.23 -9.69 -21.03
C PHE A 191 23.14 -10.56 -21.71
N GLU A 192 22.87 -11.76 -21.18
CA GLU A 192 21.60 -12.41 -21.47
C GLU A 192 20.49 -11.47 -21.10
N LYS A 193 19.35 -11.63 -21.77
CA LYS A 193 18.15 -10.89 -21.46
C LYS A 193 17.59 -11.47 -20.17
N ALA A 194 17.16 -10.60 -19.26
CA ALA A 194 16.71 -11.00 -17.95
C ALA A 194 15.55 -11.95 -18.02
N ARG A 195 14.50 -11.57 -18.73
CA ARG A 195 13.32 -12.38 -18.84
C ARG A 195 13.61 -13.84 -19.33
N SER A 196 14.58 -14.02 -20.21
CA SER A 196 14.88 -15.37 -20.71
C SER A 196 15.51 -16.19 -19.61
N VAL A 197 16.33 -15.58 -18.77
CA VAL A 197 16.95 -16.37 -17.73
C VAL A 197 15.94 -16.67 -16.64
N LEU A 198 14.98 -15.79 -16.44
CA LEU A 198 14.00 -15.99 -15.39
C LEU A 198 12.74 -16.81 -15.73
N GLU A 199 12.21 -16.62 -16.93
CA GLU A 199 11.13 -17.46 -17.41
C GLU A 199 11.81 -18.74 -17.70
N ALA A 200 11.28 -19.80 -17.14
CA ALA A 200 11.96 -21.05 -16.84
C ALA A 200 11.60 -21.26 -15.39
N LEU A 201 11.74 -20.20 -14.62
CA LEU A 201 11.31 -20.21 -13.27
C LEU A 201 12.33 -21.10 -12.63
N ASN A 222 22.74 -26.82 -8.90
CA ASN A 222 21.35 -26.97 -8.45
C ASN A 222 20.61 -25.65 -8.13
N PRO A 223 21.20 -24.80 -7.25
CA PRO A 223 20.49 -23.55 -6.96
C PRO A 223 20.34 -22.76 -8.25
N ASP A 224 19.14 -22.27 -8.51
CA ASP A 224 18.86 -21.37 -9.60
C ASP A 224 19.16 -19.92 -9.17
N LEU A 225 19.00 -19.02 -10.11
CA LEU A 225 19.51 -17.68 -10.01
C LEU A 225 18.80 -16.94 -8.87
N LEU A 226 17.50 -17.23 -8.64
CA LEU A 226 16.80 -16.51 -7.59
C LEU A 226 17.20 -17.10 -6.29
N GLU A 227 17.54 -18.38 -6.24
CA GLU A 227 18.06 -18.86 -4.99
C GLU A 227 19.44 -18.24 -4.66
N LEU A 228 20.32 -18.07 -5.64
CA LEU A 228 21.60 -17.52 -5.39
C LEU A 228 21.48 -16.07 -4.96
N CYS A 229 20.47 -15.30 -5.39
CA CYS A 229 20.26 -13.96 -4.89
C CYS A 229 20.06 -13.91 -3.42
N HIS A 230 19.72 -15.02 -2.80
CA HIS A 230 19.58 -15.03 -1.36
C HIS A 230 20.84 -15.59 -0.64
N SER A 231 21.37 -16.72 -1.10
CA SER A 231 22.35 -17.43 -0.33
C SER A 231 23.77 -16.92 -0.54
N VAL A 232 23.96 -16.39 -1.73
CA VAL A 232 25.14 -15.60 -1.98
C VAL A 232 25.38 -14.40 -1.01
N PRO A 233 24.47 -13.39 -0.98
CA PRO A 233 24.58 -12.33 0.03
C PRO A 233 24.58 -12.96 1.41
N LYS A 234 23.91 -14.07 1.57
CA LYS A 234 23.92 -14.66 2.88
C LYS A 234 25.27 -15.22 3.27
N GLU A 235 26.04 -15.71 2.33
CA GLU A 235 27.39 -16.13 2.65
C GLU A 235 28.26 -14.91 3.17
N VAL A 236 28.06 -13.71 2.63
CA VAL A 236 28.88 -12.59 3.05
C VAL A 236 28.52 -12.29 4.51
N VAL A 237 27.21 -12.37 4.81
CA VAL A 237 26.74 -12.14 6.19
C VAL A 237 27.42 -13.13 7.16
N GLN A 238 27.64 -14.34 6.72
CA GLN A 238 28.23 -15.31 7.62
C GLN A 238 29.71 -15.13 7.78
N LEU A 239 30.37 -14.43 6.86
CA LEU A 239 31.78 -14.15 7.14
C LEU A 239 31.85 -13.29 8.39
N GLY A 240 30.74 -12.65 8.75
CA GLY A 240 30.81 -11.64 9.79
C GLY A 240 31.66 -10.45 9.33
N GLY A 241 31.96 -9.54 10.26
CA GLY A 241 32.75 -8.37 9.93
C GLY A 241 31.97 -7.23 9.34
N LYS A 242 32.54 -6.62 8.32
CA LYS A 242 32.04 -5.37 7.72
C LYS A 242 31.75 -5.60 6.24
N GLY A 243 32.10 -6.77 5.73
CA GLY A 243 31.89 -7.11 4.33
C GLY A 243 32.68 -6.20 3.43
N TYR A 244 32.03 -5.68 2.39
CA TYR A 244 32.70 -4.74 1.47
C TYR A 244 33.42 -3.59 2.22
N GLY A 245 32.76 -3.02 3.21
CA GLY A 245 33.41 -1.96 3.99
C GLY A 245 34.62 -2.28 4.88
N SER A 246 35.10 -3.54 4.86
CA SER A 246 36.14 -4.04 5.78
C SER A 246 37.45 -3.25 5.75
N SER A 248 41.10 -3.18 5.86
CA SER A 248 42.31 -3.25 5.03
C SER A 248 43.65 -3.36 5.85
N GLY A 249 43.66 -2.76 7.04
CA GLY A 249 44.38 -3.37 8.16
C GLY A 249 43.96 -4.85 8.13
N GLU A 250 42.66 -5.08 7.89
CA GLU A 250 42.13 -6.40 7.48
C GLU A 250 41.79 -7.23 8.69
N GLU A 251 41.86 -8.54 8.50
CA GLU A 251 41.19 -9.56 9.30
C GLU A 251 39.82 -9.72 8.61
N ASP A 252 38.96 -8.72 8.78
CA ASP A 252 37.68 -8.68 8.06
C ASP A 252 37.96 -8.63 6.57
N PHE A 253 38.94 -7.81 6.21
CA PHE A 253 39.13 -7.45 4.85
C PHE A 253 39.70 -8.64 4.07
N ALA A 254 40.60 -9.37 4.69
CA ALA A 254 41.27 -10.44 3.98
C ALA A 254 40.22 -11.50 3.75
N ALA A 255 39.34 -11.70 4.74
CA ALA A 255 38.25 -12.69 4.58
C ALA A 255 37.39 -12.34 3.38
N PHE A 256 37.00 -11.09 3.26
CA PHE A 256 36.07 -10.73 2.21
C PHE A 256 36.74 -10.90 0.85
N ARG A 257 37.95 -10.39 0.73
CA ARG A 257 38.65 -10.46 -0.55
C ARG A 257 38.90 -11.89 -1.01
N ALA A 258 39.03 -12.79 -0.02
CA ALA A 258 39.19 -14.22 -0.26
C ALA A 258 37.90 -14.89 -0.65
N TRP A 259 36.77 -14.24 -0.43
CA TRP A 259 35.49 -14.85 -0.67
C TRP A 259 35.12 -14.58 -2.13
N LEU A 260 35.58 -13.41 -2.62
CA LEU A 260 35.22 -12.95 -3.97
C LEU A 260 35.84 -13.89 -4.98
N ARG A 261 35.06 -14.37 -5.95
CA ARG A 261 35.64 -15.17 -7.00
C ARG A 261 35.71 -14.31 -8.23
N CYS A 262 34.94 -13.26 -8.31
CA CYS A 262 34.84 -12.73 -9.64
C CYS A 262 35.08 -11.24 -9.67
N TYR A 263 34.34 -10.54 -8.81
CA TYR A 263 34.32 -9.09 -8.83
C TYR A 263 35.75 -8.56 -8.72
N GLY A 264 36.24 -7.86 -9.74
CA GLY A 264 37.61 -7.32 -9.73
C GLY A 264 38.75 -8.34 -9.76
N MET A 265 38.51 -9.63 -10.01
CA MET A 265 39.60 -10.63 -9.95
C MET A 265 40.50 -10.68 -11.21
N PRO A 266 41.79 -11.00 -11.04
CA PRO A 266 42.63 -11.10 -12.23
C PRO A 266 42.12 -12.26 -13.13
N GLY A 267 42.27 -12.15 -14.45
CA GLY A 267 41.70 -13.17 -15.31
C GLY A 267 40.28 -12.92 -15.76
N MET A 268 39.52 -12.08 -15.07
CA MET A 268 38.11 -11.84 -15.40
C MET A 268 37.97 -10.75 -16.44
N SER A 269 36.83 -10.71 -17.13
CA SER A 269 36.50 -9.59 -17.99
C SER A 269 35.61 -8.64 -17.23
N SER A 270 35.47 -7.46 -17.77
CA SER A 270 34.59 -6.48 -17.21
C SER A 270 34.11 -5.64 -18.36
N LEU A 271 32.96 -5.00 -18.23
CA LEU A 271 32.43 -4.14 -19.27
C LEU A 271 31.58 -3.13 -18.51
N GLN A 272 31.28 -2.01 -19.17
CA GLN A 272 30.28 -1.07 -18.65
C GLN A 272 28.87 -1.44 -19.09
N ASP A 273 27.89 -1.47 -18.18
CA ASP A 273 26.48 -1.55 -18.59
C ASP A 273 25.99 -0.19 -19.06
N ARG A 274 24.70 -0.08 -19.37
CA ARG A 274 24.20 1.15 -19.98
C ARG A 274 24.16 2.29 -18.97
N HIS A 275 24.38 2.03 -17.69
CA HIS A 275 24.47 3.15 -16.82
C HIS A 275 25.90 3.47 -16.43
N GLY A 276 26.88 2.89 -17.11
CA GLY A 276 28.25 3.12 -16.75
C GLY A 276 28.81 2.35 -15.56
N ARG A 277 28.08 1.34 -15.04
CA ARG A 277 28.55 0.56 -13.89
C ARG A 277 29.31 -0.61 -14.40
N THR A 278 30.35 -1.02 -13.71
CA THR A 278 31.19 -2.09 -14.24
C THR A 278 30.65 -3.46 -13.85
N ILE A 279 30.55 -4.39 -14.80
CA ILE A 279 30.10 -5.73 -14.51
C ILE A 279 31.30 -6.62 -14.75
N TRP A 280 31.72 -7.35 -13.73
CA TRP A 280 32.77 -8.34 -13.87
C TRP A 280 32.13 -9.64 -14.28
N PHE A 281 32.86 -10.45 -15.08
CA PHE A 281 32.40 -11.77 -15.47
C PHE A 281 33.54 -12.52 -16.18
N GLN A 282 33.23 -13.79 -16.47
CA GLN A 282 34.15 -14.68 -17.11
C GLN A 282 33.49 -15.22 -18.32
N GLY A 283 34.23 -15.24 -19.43
CA GLY A 283 33.72 -15.80 -20.68
C GLY A 283 32.79 -14.92 -21.49
N ASP A 284 31.76 -15.55 -21.98
CA ASP A 284 30.84 -14.98 -22.95
C ASP A 284 30.23 -13.74 -22.36
N PRO A 285 30.25 -12.59 -23.08
CA PRO A 285 29.55 -11.42 -22.53
C PRO A 285 28.05 -11.56 -22.62
N GLY A 286 27.56 -12.36 -23.59
CA GLY A 286 26.12 -12.58 -23.73
C GLY A 286 25.62 -11.68 -24.82
N PRO A 287 24.40 -12.00 -25.36
CA PRO A 287 23.85 -11.40 -26.60
C PRO A 287 23.61 -9.91 -26.57
N LEU A 288 23.28 -9.29 -25.44
CA LEU A 288 22.94 -7.85 -25.49
C LEU A 288 24.10 -6.89 -25.16
N ALA A 289 25.32 -7.36 -25.27
CA ALA A 289 26.48 -6.63 -24.82
C ALA A 289 26.71 -5.34 -25.61
N PRO A 290 27.26 -4.28 -24.96
CA PRO A 290 27.69 -3.16 -25.82
C PRO A 290 28.85 -3.59 -26.65
N PRO B 2 -4.83 -21.47 17.10
CA PRO B 2 -4.02 -20.91 16.04
C PRO B 2 -2.86 -20.03 16.56
N GLU B 3 -1.67 -20.23 15.93
CA GLU B 3 -0.47 -19.56 16.35
C GLU B 3 -0.03 -18.63 15.23
N GLY B 4 1.15 -18.01 15.39
CA GLY B 4 1.59 -16.99 14.47
C GLY B 4 1.39 -17.40 13.03
N PRO B 5 1.83 -18.61 12.66
CA PRO B 5 1.62 -19.00 11.24
C PRO B 5 0.18 -18.91 10.78
N GLU B 6 -0.77 -19.24 11.65
CA GLU B 6 -2.20 -19.31 11.17
C GLU B 6 -2.69 -17.88 11.10
N LEU B 7 -2.17 -17.04 12.00
CA LEU B 7 -2.65 -15.65 11.97
C LEU B 7 -2.15 -15.05 10.69
N HIS B 8 -0.92 -15.39 10.32
CA HIS B 8 -0.35 -14.77 9.13
C HIS B 8 -1.08 -15.28 7.85
N LEU B 9 -1.33 -16.59 7.72
CA LEU B 9 -2.13 -17.14 6.59
C LEU B 9 -3.54 -16.54 6.56
N ALA B 10 -4.20 -16.45 7.71
CA ALA B 10 -5.50 -15.82 7.70
C ALA B 10 -5.45 -14.45 7.07
N SER B 11 -4.40 -13.69 7.40
CA SER B 11 -4.22 -12.29 6.88
C SER B 11 -4.00 -12.22 5.36
N GLN B 12 -3.21 -13.15 4.81
CA GLN B 12 -3.03 -13.24 3.35
C GLN B 12 -4.37 -13.54 2.73
N PHE B 13 -5.05 -14.50 3.34
CA PHE B 13 -6.37 -14.93 2.85
C PHE B 13 -7.34 -13.76 2.75
N VAL B 14 -7.43 -12.96 3.78
CA VAL B 14 -8.37 -11.86 3.68
C VAL B 14 -7.93 -10.84 2.62
N ASN B 15 -6.64 -10.44 2.59
CA ASN B 15 -6.23 -9.54 1.55
C ASN B 15 -6.49 -10.09 0.18
N GLU B 16 -6.26 -11.40 0.00
CA GLU B 16 -6.45 -12.02 -1.32
C GLU B 16 -7.92 -12.09 -1.68
N ALA B 17 -8.74 -12.62 -0.78
CA ALA B 17 -10.11 -12.85 -1.08
C ALA B 17 -10.80 -11.53 -1.29
N CYS B 18 -10.31 -10.47 -0.70
CA CYS B 18 -11.13 -9.28 -0.62
C CYS B 18 -10.67 -8.16 -1.50
N ARG B 19 -9.55 -8.33 -2.15
CA ARG B 19 -8.93 -7.21 -2.84
C ARG B 19 -9.86 -6.68 -3.93
N ALA B 20 -10.62 -7.55 -4.59
CA ALA B 20 -11.50 -7.04 -5.64
C ALA B 20 -12.88 -6.81 -5.11
N LEU B 21 -13.08 -6.96 -3.82
CA LEU B 21 -14.44 -6.86 -3.30
C LEU B 21 -14.75 -5.49 -2.68
N VAL B 22 -16.04 -5.16 -2.72
CA VAL B 22 -16.54 -3.94 -2.12
C VAL B 22 -17.68 -4.31 -1.19
N PHE B 23 -17.52 -3.88 0.05
CA PHE B 23 -18.44 -4.17 1.12
C PHE B 23 -19.43 -3.03 1.35
N GLY B 24 -20.63 -3.34 1.79
CA GLY B 24 -21.58 -2.27 2.06
C GLY B 24 -22.44 -2.66 3.23
N GLY B 25 -23.08 -1.67 3.84
CA GLY B 25 -24.04 -1.90 4.93
C GLY B 25 -23.39 -1.95 6.30
N CYS B 26 -23.98 -2.74 7.19
CA CYS B 26 -23.58 -2.81 8.58
C CYS B 26 -22.67 -3.98 8.78
N VAL B 27 -22.01 -3.98 9.93
CA VAL B 27 -21.26 -5.14 10.31
C VAL B 27 -22.06 -5.93 11.34
N GLU B 28 -22.42 -7.15 11.02
CA GLU B 28 -23.30 -7.92 11.84
C GLU B 28 -22.57 -8.97 12.72
N LYS B 29 -22.78 -8.85 14.03
CA LYS B 29 -22.35 -9.79 15.07
C LYS B 29 -23.44 -10.88 15.33
N SER B 30 -23.06 -12.12 15.63
CA SER B 30 -24.03 -13.12 15.87
C SER B 30 -24.64 -12.87 17.23
N SER B 31 -25.72 -13.58 17.53
CA SER B 31 -26.54 -13.24 18.64
C SER B 31 -25.95 -13.81 19.91
N VAL B 32 -25.01 -14.71 19.81
CA VAL B 32 -24.48 -15.29 21.03
C VAL B 32 -23.06 -14.76 21.43
N SER B 33 -22.46 -13.94 20.56
CA SER B 33 -21.10 -13.50 20.75
C SER B 33 -21.06 -12.37 21.73
N ARG B 34 -20.17 -12.42 22.73
CA ARG B 34 -20.04 -11.32 23.74
C ARG B 34 -19.05 -10.22 23.33
N ASN B 35 -18.43 -10.31 22.19
CA ASN B 35 -17.53 -9.25 21.79
C ASN B 35 -18.31 -7.99 21.37
N PRO B 36 -17.66 -6.82 21.29
CA PRO B 36 -18.44 -5.61 21.00
C PRO B 36 -19.14 -5.63 19.63
N GLU B 37 -20.32 -5.08 19.57
CA GLU B 37 -20.89 -4.60 18.35
C GLU B 37 -19.90 -3.70 17.61
N VAL B 38 -19.81 -3.89 16.30
CA VAL B 38 -18.97 -3.02 15.53
C VAL B 38 -19.79 -1.85 14.97
N PRO B 39 -19.54 -0.62 15.46
CA PRO B 39 -20.55 0.41 15.14
C PRO B 39 -20.07 1.09 13.89
N PHE B 40 -20.36 0.47 12.75
CA PHE B 40 -19.82 0.95 11.49
C PHE B 40 -20.77 0.62 10.35
N GLU B 41 -21.01 1.61 9.53
CA GLU B 41 -21.95 1.44 8.45
C GLU B 41 -21.41 2.29 7.32
N SER B 42 -21.28 1.69 6.13
CA SER B 42 -20.84 2.41 4.94
C SER B 42 -21.42 1.79 3.70
N SER B 43 -21.87 2.63 2.76
CA SER B 43 -22.46 2.22 1.50
C SER B 43 -21.47 1.45 0.62
N ALA B 44 -20.17 1.72 0.77
CA ALA B 44 -19.09 1.16 -0.07
C ALA B 44 -17.78 1.17 0.70
N TYR B 45 -17.20 0.01 0.98
CA TYR B 45 -15.93 -0.05 1.74
C TYR B 45 -15.06 -1.26 1.43
N ARG B 46 -13.74 -1.05 1.55
CA ARG B 46 -12.79 -2.10 1.34
C ARG B 46 -12.28 -2.60 2.69
N ILE B 47 -11.82 -3.83 2.69
CA ILE B 47 -11.34 -4.45 3.92
C ILE B 47 -9.93 -4.92 3.61
N SER B 48 -9.00 -4.70 4.52
CA SER B 48 -7.69 -5.33 4.40
C SER B 48 -7.15 -5.73 5.79
N ALA B 49 -6.06 -6.49 5.76
CA ALA B 49 -5.69 -7.22 6.91
C ALA B 49 -4.18 -7.24 7.00
N SER B 50 -3.65 -7.22 8.22
CA SER B 50 -2.27 -7.60 8.36
C SER B 50 -2.17 -8.33 9.71
N ALA B 51 -1.20 -9.21 9.87
CA ALA B 51 -1.06 -9.89 11.14
C ALA B 51 0.14 -9.42 11.91
N ARG B 52 0.14 -9.61 13.21
CA ARG B 52 1.37 -9.37 13.95
C ARG B 52 1.34 -10.31 15.16
N GLY B 53 2.22 -11.30 15.17
CA GLY B 53 2.24 -12.27 16.26
C GLY B 53 0.91 -13.03 16.22
N LYS B 54 0.24 -13.07 17.37
CA LYS B 54 -0.96 -13.82 17.46
C LYS B 54 -2.10 -12.87 17.27
N GLU B 55 -1.96 -11.76 16.54
CA GLU B 55 -3.11 -10.86 16.39
C GLU B 55 -3.29 -10.54 14.95
N LEU B 56 -4.49 -10.09 14.57
CA LEU B 56 -4.73 -9.81 13.17
C LEU B 56 -5.52 -8.54 13.16
N ARG B 57 -5.16 -7.62 12.27
CA ARG B 57 -5.88 -6.36 12.28
C ARG B 57 -6.57 -6.18 10.97
N LEU B 58 -7.90 -5.85 11.00
CA LEU B 58 -8.63 -5.51 9.81
C LEU B 58 -8.85 -4.02 9.78
N ILE B 59 -8.72 -3.47 8.57
CA ILE B 59 -9.08 -2.07 8.33
C ILE B 59 -10.26 -2.02 7.36
N LEU B 60 -11.29 -1.30 7.79
CA LEU B 60 -12.47 -1.11 7.00
C LEU B 60 -12.40 0.32 6.50
N SER B 61 -12.11 0.47 5.20
CA SER B 61 -11.86 1.75 4.53
C SER B 61 -12.96 2.13 3.54
N PRO B 62 -13.83 3.11 3.88
CA PRO B 62 -14.82 3.57 2.92
C PRO B 62 -14.17 4.09 1.64
N LEU B 63 -14.75 3.75 0.50
CA LEU B 63 -14.46 4.43 -0.76
C LEU B 63 -14.92 5.90 -0.74
N PRO B 64 -14.20 6.79 -1.49
CA PRO B 64 -14.48 8.22 -1.49
C PRO B 64 -15.91 8.47 -1.86
N GLY B 65 -16.60 9.28 -1.07
CA GLY B 65 -18.01 9.58 -1.31
C GLY B 65 -19.00 8.69 -0.57
N ALA B 66 -18.52 7.61 0.06
CA ALA B 66 -19.38 6.61 0.72
C ALA B 66 -20.30 7.24 1.77
N GLN B 67 -21.47 6.72 1.98
CA GLN B 67 -22.33 7.34 2.98
C GLN B 67 -22.65 6.37 4.09
N PRO B 68 -22.79 6.80 5.43
CA PRO B 68 -22.43 8.20 5.69
C PRO B 68 -20.97 8.47 5.44
N GLN B 69 -20.47 9.58 5.98
CA GLN B 69 -19.09 10.02 5.76
C GLN B 69 -18.28 9.58 6.93
N GLN B 70 -17.06 9.13 6.66
CA GLN B 70 -16.39 8.27 7.68
C GLN B 70 -14.91 8.04 7.55
N GLU B 71 -14.22 8.02 8.68
CA GLU B 71 -12.81 7.62 8.63
C GLU B 71 -12.71 6.08 8.54
N PRO B 72 -11.56 5.58 8.09
CA PRO B 72 -11.38 4.15 8.24
C PRO B 72 -11.63 3.67 9.69
N LEU B 73 -12.11 2.43 9.83
CA LEU B 73 -12.16 1.76 11.14
C LEU B 73 -11.27 0.48 11.16
N ALA B 74 -10.48 0.33 12.23
CA ALA B 74 -9.60 -0.80 12.47
C ALA B 74 -10.19 -1.69 13.58
N LEU B 75 -10.00 -2.99 13.46
CA LEU B 75 -10.44 -3.94 14.49
C LEU B 75 -9.26 -4.85 14.65
N VAL B 76 -8.94 -5.23 15.86
CA VAL B 76 -7.91 -6.22 16.02
C VAL B 76 -8.49 -7.47 16.60
N PHE B 77 -8.07 -8.62 16.11
CA PHE B 77 -8.61 -9.93 16.49
C PHE B 77 -7.53 -10.76 17.17
N ARG B 78 -7.93 -11.49 18.17
CA ARG B 78 -7.22 -12.65 18.70
C ARG B 78 -8.15 -13.89 18.59
N PHE B 79 -7.61 -14.99 18.15
CA PHE B 79 -8.30 -16.14 17.68
C PHE B 79 -8.54 -17.14 18.75
N GLY B 80 -7.95 -17.05 19.93
CA GLY B 80 -8.35 -18.05 20.94
C GLY B 80 -7.94 -19.42 20.50
N MET B 81 -8.62 -20.45 20.96
CA MET B 81 -8.34 -21.83 20.51
C MET B 81 -8.85 -22.15 19.13
N SER B 82 -9.73 -21.37 18.53
CA SER B 82 -10.36 -21.87 17.29
C SER B 82 -10.77 -20.82 16.27
N GLY B 83 -10.30 -19.60 16.33
CA GLY B 83 -10.75 -18.59 15.40
C GLY B 83 -10.24 -18.80 13.96
N SER B 84 -10.89 -18.18 12.98
CA SER B 84 -10.51 -18.28 11.59
C SER B 84 -11.35 -17.23 10.82
N PHE B 85 -11.00 -17.00 9.55
CA PHE B 85 -11.90 -16.28 8.63
C PHE B 85 -12.37 -17.17 7.47
N GLN B 86 -13.61 -16.99 7.07
CA GLN B 86 -14.02 -17.63 5.82
C GLN B 86 -14.74 -16.66 4.95
N LEU B 87 -14.67 -16.85 3.64
CA LEU B 87 -15.46 -15.99 2.78
C LEU B 87 -16.50 -16.91 2.21
N VAL B 88 -17.78 -16.69 2.52
CA VAL B 88 -18.80 -17.61 2.10
C VAL B 88 -19.94 -16.96 1.31
N PRO B 89 -20.76 -17.83 0.71
CA PRO B 89 -22.02 -17.28 0.18
C PRO B 89 -22.85 -16.77 1.38
N ARG B 90 -23.35 -15.55 1.26
CA ARG B 90 -24.13 -14.89 2.31
C ARG B 90 -25.32 -15.69 2.85
N GLU B 91 -26.05 -16.42 2.01
CA GLU B 91 -27.11 -17.28 2.57
C GLU B 91 -26.62 -18.66 3.06
N GLU B 92 -25.30 -18.83 3.14
CA GLU B 92 -24.70 -20.07 3.64
C GLU B 92 -23.57 -19.79 4.66
N LEU B 93 -23.88 -19.03 5.70
CA LEU B 93 -23.00 -18.89 6.90
C LEU B 93 -22.73 -20.26 7.48
N PRO B 94 -21.50 -20.53 7.94
CA PRO B 94 -21.25 -21.71 8.74
C PRO B 94 -21.69 -21.50 10.18
N ARG B 95 -21.88 -22.63 10.85
CA ARG B 95 -22.39 -22.66 12.22
C ARG B 95 -21.95 -21.48 13.13
N HIS B 96 -20.66 -21.21 13.24
CA HIS B 96 -20.37 -20.28 14.29
C HIS B 96 -19.63 -19.04 13.82
N ALA B 97 -20.29 -18.30 12.97
CA ALA B 97 -19.76 -17.17 12.30
C ALA B 97 -20.18 -16.03 13.21
N HIS B 98 -19.25 -15.48 13.96
CA HIS B 98 -19.62 -14.56 15.00
C HIS B 98 -19.53 -13.15 14.57
N LEU B 99 -18.84 -12.89 13.47
CA LEU B 99 -18.82 -11.54 12.91
C LEU B 99 -18.80 -11.65 11.40
N ARG B 100 -19.68 -10.91 10.74
CA ARG B 100 -19.94 -10.99 9.28
C ARG B 100 -19.89 -9.62 8.57
N PHE B 101 -19.24 -9.61 7.41
CA PHE B 101 -19.08 -8.45 6.54
C PHE B 101 -19.67 -8.76 5.15
N TYR B 102 -20.59 -7.90 4.70
CA TYR B 102 -21.37 -8.21 3.55
C TYR B 102 -21.00 -7.42 2.35
N THR B 103 -20.60 -8.11 1.29
CA THR B 103 -20.45 -7.39 0.02
C THR B 103 -21.70 -6.57 -0.35
N ALA B 104 -21.44 -5.43 -1.01
CA ALA B 104 -22.49 -4.46 -1.48
C ALA B 104 -23.16 -4.95 -2.75
N PRO B 105 -24.36 -4.42 -3.06
CA PRO B 105 -25.37 -4.92 -4.03
C PRO B 105 -24.95 -5.11 -5.52
N PRO B 106 -23.77 -4.62 -5.91
CA PRO B 106 -23.17 -5.16 -7.13
C PRO B 106 -22.84 -6.69 -7.18
N GLY B 107 -23.82 -7.55 -7.49
CA GLY B 107 -23.48 -8.92 -7.94
C GLY B 107 -23.71 -10.11 -7.00
N PRO B 108 -22.79 -11.13 -7.02
CA PRO B 108 -22.92 -12.29 -6.11
C PRO B 108 -22.52 -11.91 -4.68
N ARG B 109 -23.24 -12.48 -3.72
CA ARG B 109 -23.42 -11.91 -2.42
C ARG B 109 -22.62 -12.74 -1.45
N LEU B 110 -21.53 -12.14 -0.99
CA LEU B 110 -20.60 -12.78 -0.12
C LEU B 110 -20.65 -12.18 1.28
N ALA B 111 -20.32 -13.00 2.26
CA ALA B 111 -19.88 -12.56 3.60
C ALA B 111 -18.50 -13.01 3.91
N LEU B 112 -17.71 -12.08 4.43
CA LEU B 112 -16.46 -12.41 5.06
C LEU B 112 -16.88 -12.69 6.51
N CYS B 113 -16.57 -13.88 7.03
CA CYS B 113 -16.91 -14.28 8.38
C CYS B 113 -15.70 -14.57 9.35
N PHE B 114 -15.77 -14.03 10.57
CA PHE B 114 -14.90 -14.55 11.62
C PHE B 114 -15.61 -15.73 12.30
N VAL B 115 -15.09 -16.92 12.16
CA VAL B 115 -15.74 -18.09 12.68
C VAL B 115 -14.93 -18.55 13.76
N ASP B 116 -15.58 -18.87 14.86
CA ASP B 116 -14.87 -19.27 16.02
C ASP B 116 -15.68 -20.24 16.92
N ILE B 117 -15.41 -21.51 16.77
CA ILE B 117 -16.21 -22.58 17.39
C ILE B 117 -16.32 -22.35 18.89
N ARG B 118 -15.20 -22.19 19.61
CA ARG B 118 -15.34 -22.18 21.07
C ARG B 118 -15.45 -20.79 21.70
N ARG B 119 -15.31 -19.74 20.89
CA ARG B 119 -15.65 -18.40 21.30
C ARG B 119 -14.65 -17.83 22.30
N PHE B 120 -13.47 -18.41 22.44
CA PHE B 120 -12.43 -17.82 23.19
C PHE B 120 -11.82 -16.62 22.41
N GLY B 121 -12.25 -16.36 21.16
CA GLY B 121 -11.54 -15.35 20.34
C GLY B 121 -11.99 -14.01 20.79
N ARG B 122 -11.40 -12.90 20.40
CA ARG B 122 -11.91 -11.57 20.80
C ARG B 122 -11.60 -10.62 19.71
N TRP B 123 -12.31 -9.52 19.62
CA TRP B 123 -11.89 -8.40 18.79
C TRP B 123 -12.08 -7.12 19.58
N ASP B 124 -11.28 -6.08 19.29
CA ASP B 124 -11.44 -4.79 19.99
C ASP B 124 -11.52 -3.76 18.92
N LEU B 125 -12.39 -2.80 19.10
CA LEU B 125 -12.36 -1.62 18.31
C LEU B 125 -11.08 -0.78 18.60
N GLY B 126 -10.49 -0.17 17.57
CA GLY B 126 -9.15 0.42 17.72
C GLY B 126 -8.17 -0.44 16.92
N GLY B 127 -7.16 0.15 16.34
CA GLY B 127 -6.28 -0.71 15.53
C GLY B 127 -5.04 -1.04 16.28
N LYS B 128 -5.06 -0.81 17.59
CA LYS B 128 -3.82 -0.93 18.35
C LYS B 128 -3.52 -2.37 18.66
N TRP B 129 -2.32 -2.81 18.32
CA TRP B 129 -1.83 -4.06 18.84
C TRP B 129 -1.91 -4.07 20.37
N GLN B 130 -2.04 -5.23 20.94
CA GLN B 130 -2.11 -5.27 22.37
C GLN B 130 -0.88 -4.66 23.07
N PRO B 131 -1.07 -3.78 24.05
CA PRO B 131 0.09 -3.18 24.77
C PRO B 131 0.99 -4.24 25.37
N GLY B 132 2.29 -4.13 25.15
CA GLY B 132 3.11 -5.13 25.80
C GLY B 132 3.26 -6.49 25.11
N ARG B 133 2.65 -6.72 23.92
CA ARG B 133 3.01 -7.95 23.21
C ARG B 133 4.38 -7.62 22.53
N GLY B 134 5.26 -8.59 22.38
CA GLY B 134 6.63 -8.24 21.86
C GLY B 134 6.51 -8.21 20.35
N PRO B 135 7.63 -8.01 19.66
CA PRO B 135 7.48 -8.01 18.20
C PRO B 135 7.15 -9.33 17.59
N CYS B 136 6.56 -9.27 16.41
CA CYS B 136 6.19 -10.50 15.67
C CYS B 136 7.42 -11.38 15.34
N VAL B 137 7.43 -12.64 15.78
CA VAL B 137 8.60 -13.47 15.49
C VAL B 137 8.68 -13.73 14.00
N LEU B 138 7.58 -13.55 13.28
CA LEU B 138 7.67 -13.72 11.82
C LEU B 138 8.05 -12.44 11.07
N GLN B 139 7.40 -11.32 11.34
CA GLN B 139 7.65 -10.19 10.48
C GLN B 139 8.62 -9.22 11.07
N GLU B 140 9.06 -9.41 12.32
CA GLU B 140 9.93 -8.41 12.95
C GLU B 140 11.02 -9.16 13.66
N TYR B 141 11.71 -10.00 12.93
CA TYR B 141 12.61 -10.93 13.57
C TYR B 141 13.80 -10.25 14.35
N GLN B 142 14.46 -9.24 13.75
CA GLN B 142 15.54 -8.62 14.49
C GLN B 142 15.06 -7.89 15.72
N GLN B 143 13.97 -7.14 15.60
CA GLN B 143 13.40 -6.49 16.80
C GLN B 143 13.06 -7.56 17.83
N PHE B 144 12.50 -8.66 17.40
CA PHE B 144 12.10 -9.65 18.36
C PHE B 144 13.35 -10.22 19.00
N ARG B 145 14.33 -10.61 18.17
CA ARG B 145 15.58 -11.16 18.67
C ARG B 145 16.21 -10.21 19.68
N GLU B 146 16.27 -8.98 19.31
CA GLU B 146 16.91 -8.08 20.21
C GLU B 146 16.07 -7.81 21.46
N ASN B 147 14.76 -7.79 21.37
CA ASN B 147 13.96 -7.51 22.53
C ASN B 147 14.05 -8.63 23.52
N VAL B 148 14.31 -9.82 23.07
CA VAL B 148 14.63 -10.90 24.03
C VAL B 148 16.00 -10.73 24.71
N LEU B 149 17.06 -10.71 23.91
CA LEU B 149 18.44 -10.71 24.42
C LEU B 149 18.78 -9.49 25.22
N ARG B 150 18.03 -8.43 25.03
CA ARG B 150 18.33 -7.19 25.75
C ARG B 150 17.52 -7.13 27.05
N ASN B 151 16.70 -8.13 27.33
CA ASN B 151 15.88 -8.10 28.52
C ASN B 151 15.95 -9.49 29.16
N LEU B 152 17.02 -10.23 28.85
CA LEU B 152 17.27 -11.53 29.50
C LEU B 152 17.07 -11.52 30.99
N ALA B 153 17.21 -10.36 31.63
CA ALA B 153 17.07 -10.33 33.09
C ALA B 153 15.67 -10.00 33.59
N ASP B 154 14.63 -10.28 32.82
CA ASP B 154 13.23 -10.09 33.24
C ASP B 154 12.75 -11.31 34.03
N LYS B 155 11.91 -11.09 35.05
CA LYS B 155 11.32 -12.22 35.78
C LYS B 155 11.00 -13.40 34.82
N ALA B 156 10.41 -13.05 33.66
CA ALA B 156 10.02 -14.02 32.66
C ALA B 156 11.03 -15.09 32.27
N PHE B 157 12.33 -14.80 32.31
CA PHE B 157 13.29 -15.79 31.84
C PHE B 157 13.78 -16.69 32.98
N ASP B 158 13.18 -16.47 34.16
CA ASP B 158 13.34 -17.35 35.31
C ASP B 158 12.69 -18.68 35.09
N ARG B 159 11.69 -18.75 34.24
CA ARG B 159 10.88 -19.95 34.14
C ARG B 159 11.50 -20.95 33.19
N PRO B 160 11.03 -22.19 33.22
CA PRO B 160 11.50 -23.14 32.19
C PRO B 160 11.31 -22.60 30.76
N ILE B 161 12.20 -23.01 29.87
CA ILE B 161 12.21 -22.44 28.54
C ILE B 161 10.86 -22.71 27.88
N CYS B 162 10.27 -23.86 28.19
CA CYS B 162 9.05 -24.20 27.54
C CYS B 162 7.93 -23.30 27.96
N GLU B 163 7.97 -22.79 29.20
CA GLU B 163 6.91 -21.84 29.59
C GLU B 163 7.17 -20.52 28.93
N ALA B 164 8.43 -20.08 29.03
CA ALA B 164 8.89 -18.80 28.53
C ALA B 164 8.53 -18.59 27.07
N LEU B 165 8.60 -19.65 26.27
CA LEU B 165 8.26 -19.60 24.88
C LEU B 165 6.79 -19.30 24.58
N LEU B 166 5.91 -19.49 25.57
CA LEU B 166 4.50 -19.12 25.49
C LEU B 166 4.30 -17.67 25.95
N ASP B 167 5.33 -17.01 26.46
CA ASP B 167 5.11 -15.64 26.90
C ASP B 167 5.04 -14.66 25.75
N GLN B 168 3.85 -14.15 25.40
CA GLN B 168 3.61 -13.23 24.28
C GLN B 168 4.31 -11.86 24.48
N ARG B 169 4.88 -11.62 25.64
CA ARG B 169 5.74 -10.37 25.75
C ARG B 169 7.09 -10.52 25.01
N PHE B 170 7.50 -11.75 24.75
CA PHE B 170 8.78 -11.91 24.21
C PHE B 170 8.77 -12.80 23.00
N PHE B 171 7.69 -13.60 22.84
CA PHE B 171 7.56 -14.54 21.75
C PHE B 171 6.18 -14.47 21.09
N ASN B 172 5.82 -13.24 20.78
CA ASN B 172 4.52 -13.00 20.22
C ASN B 172 4.37 -13.81 18.94
N GLY B 173 3.44 -14.75 18.95
CA GLY B 173 3.28 -15.63 17.86
C GLY B 173 3.51 -17.06 18.22
N ILE B 174 4.27 -17.31 19.27
CA ILE B 174 4.62 -18.70 19.53
C ILE B 174 3.57 -19.39 20.37
N GLY B 175 3.19 -20.61 20.00
CA GLY B 175 2.17 -21.36 20.76
C GLY B 175 2.52 -22.78 21.05
N ASN B 176 1.51 -23.56 21.44
CA ASN B 176 1.81 -24.85 22.02
C ASN B 176 2.44 -25.83 21.06
N TYR B 177 2.03 -25.86 19.79
CA TYR B 177 2.74 -26.73 18.87
C TYR B 177 4.11 -26.20 18.46
N LEU B 178 4.24 -24.90 18.18
CA LEU B 178 5.58 -24.29 17.85
C LEU B 178 6.52 -24.51 18.95
N ARG B 179 6.11 -24.40 20.21
CA ARG B 179 7.18 -24.54 21.23
C ARG B 179 7.72 -25.99 21.21
N ALA B 180 6.84 -26.99 21.06
CA ALA B 180 7.40 -28.36 21.02
C ALA B 180 8.29 -28.56 19.78
N GLU B 181 7.83 -28.13 18.61
CA GLU B 181 8.61 -28.33 17.43
C GLU B 181 9.96 -27.61 17.59
N ILE B 182 9.93 -26.40 18.12
CA ILE B 182 11.14 -25.58 18.20
C ILE B 182 12.16 -26.27 19.06
N LEU B 183 11.78 -26.71 20.25
CA LEU B 183 12.79 -27.26 21.16
C LEU B 183 13.26 -28.61 20.65
N TYR B 184 12.38 -29.31 19.95
CA TYR B 184 12.74 -30.63 19.43
C TYR B 184 13.84 -30.55 18.35
N ARG B 185 13.89 -29.44 17.61
CA ARG B 185 14.94 -29.23 16.62
C ARG B 185 16.31 -29.08 17.23
N LEU B 186 16.36 -28.57 18.46
CA LEU B 186 17.67 -28.33 19.12
C LEU B 186 17.86 -29.21 20.32
N LYS B 187 16.92 -30.15 20.51
CA LYS B 187 17.08 -31.15 21.55
C LYS B 187 17.32 -30.49 22.93
N ILE B 188 16.73 -29.33 23.15
CA ILE B 188 16.75 -28.72 24.49
C ILE B 188 15.68 -29.35 25.39
N PRO B 189 16.08 -29.75 26.61
CA PRO B 189 15.10 -30.23 27.57
C PRO B 189 14.05 -29.16 27.88
N PRO B 190 12.75 -29.51 27.70
CA PRO B 190 11.59 -28.70 27.97
C PRO B 190 11.73 -27.81 29.20
N PHE B 191 12.45 -28.30 30.19
CA PHE B 191 12.46 -27.66 31.50
C PHE B 191 13.83 -27.10 31.91
N GLU B 192 14.79 -27.10 31.00
CA GLU B 192 15.91 -26.22 31.21
C GLU B 192 15.36 -24.82 31.46
N LYS B 193 16.02 -24.06 32.33
CA LYS B 193 15.70 -22.65 32.58
C LYS B 193 15.88 -21.74 31.37
N ALA B 194 14.82 -21.02 30.99
CA ALA B 194 14.89 -20.10 29.83
C ALA B 194 16.23 -19.31 29.82
N ARG B 195 16.55 -18.61 30.90
CA ARG B 195 17.79 -17.84 30.88
C ARG B 195 19.03 -18.69 30.56
N SER B 196 19.14 -19.85 31.19
CA SER B 196 20.33 -20.68 30.98
C SER B 196 20.46 -20.97 29.49
N VAL B 197 19.35 -21.29 28.84
CA VAL B 197 19.40 -21.62 27.43
C VAL B 197 19.82 -20.42 26.57
N LEU B 198 19.37 -19.22 26.94
CA LEU B 198 19.57 -18.04 26.08
C LEU B 198 20.80 -17.23 26.44
N GLU B 199 21.28 -17.39 27.67
CA GLU B 199 22.55 -16.81 28.08
C GLU B 199 23.59 -16.92 26.97
N ALA B 200 23.83 -18.15 26.56
CA ALA B 200 24.78 -18.47 25.50
C ALA B 200 24.81 -17.38 24.45
N LEU B 201 23.62 -17.00 23.99
CA LEU B 201 23.44 -16.10 22.86
C LEU B 201 23.75 -14.63 23.12
N GLN B 202 23.88 -14.22 24.40
CA GLN B 202 24.09 -12.82 24.77
C GLN B 202 25.03 -12.09 23.82
N PRO B 223 21.87 -23.08 13.67
CA PRO B 223 20.55 -22.41 13.78
C PRO B 223 20.15 -22.37 15.23
N ASP B 224 20.44 -21.28 15.93
CA ASP B 224 20.18 -21.16 17.37
C ASP B 224 18.66 -21.01 17.70
N LEU B 225 18.34 -20.86 18.99
CA LEU B 225 17.02 -21.06 19.51
C LEU B 225 16.10 -19.95 19.00
N LEU B 226 16.65 -18.74 18.97
CA LEU B 226 15.89 -17.59 18.58
C LEU B 226 15.67 -17.54 17.07
N GLU B 227 16.57 -18.12 16.28
CA GLU B 227 16.41 -18.11 14.83
C GLU B 227 15.30 -19.06 14.53
N LEU B 228 15.30 -20.15 15.28
CA LEU B 228 14.26 -21.16 15.11
C LEU B 228 12.88 -20.59 15.48
N CYS B 229 12.83 -19.68 16.47
CA CYS B 229 11.58 -19.03 16.84
C CYS B 229 10.98 -18.37 15.62
N HIS B 230 11.83 -18.10 14.64
CA HIS B 230 11.39 -17.34 13.51
C HIS B 230 11.24 -18.27 12.31
N SER B 231 12.22 -19.10 12.08
CA SER B 231 12.26 -19.87 10.81
C SER B 231 11.35 -21.14 10.91
N VAL B 232 11.26 -21.74 12.10
CA VAL B 232 10.27 -22.81 12.26
C VAL B 232 8.84 -22.38 11.84
N PRO B 233 8.30 -21.34 12.45
CA PRO B 233 7.02 -20.87 11.97
C PRO B 233 7.02 -20.39 10.53
N LYS B 234 8.12 -19.87 10.01
CA LYS B 234 8.17 -19.59 8.55
C LYS B 234 7.89 -20.87 7.73
N GLU B 235 8.36 -22.01 8.22
CA GLU B 235 8.12 -23.26 7.54
C GLU B 235 6.64 -23.52 7.41
N VAL B 236 5.93 -23.45 8.52
CA VAL B 236 4.51 -23.67 8.47
C VAL B 236 3.92 -22.64 7.49
N VAL B 237 4.38 -21.39 7.47
CA VAL B 237 3.79 -20.44 6.53
C VAL B 237 3.95 -20.89 5.07
N GLN B 238 5.03 -21.61 4.82
CA GLN B 238 5.46 -21.84 3.46
C GLN B 238 4.60 -22.93 2.76
N LEU B 239 4.05 -23.87 3.52
CA LEU B 239 2.84 -24.59 3.07
C LEU B 239 1.61 -23.84 3.62
N ALA B 254 -3.36 -31.56 6.60
CA ALA B 254 -2.75 -32.84 6.29
C ALA B 254 -1.28 -32.72 5.87
N ALA B 255 -0.99 -31.82 4.94
CA ALA B 255 0.37 -31.30 4.76
C ALA B 255 1.00 -30.85 6.12
N PHE B 256 0.18 -30.28 7.00
CA PHE B 256 0.64 -29.81 8.33
C PHE B 256 1.00 -30.98 9.24
N ARG B 257 0.10 -31.98 9.28
CA ARG B 257 0.35 -33.19 10.05
C ARG B 257 1.61 -33.92 9.57
N ALA B 258 1.84 -33.97 8.28
CA ALA B 258 3.12 -34.54 7.81
C ALA B 258 4.32 -33.67 8.19
N TRP B 259 4.12 -32.38 8.50
CA TRP B 259 5.26 -31.55 8.85
C TRP B 259 5.71 -31.70 10.29
N LEU B 260 4.75 -32.04 11.15
CA LEU B 260 5.04 -32.06 12.55
C LEU B 260 6.14 -33.05 12.72
N ARG B 261 7.01 -32.82 13.69
CA ARG B 261 8.00 -33.83 14.03
C ARG B 261 7.81 -34.34 15.42
N CYS B 262 7.03 -33.66 16.22
CA CYS B 262 7.08 -33.94 17.64
C CYS B 262 5.73 -33.80 18.31
N TYR B 263 5.05 -32.69 18.08
CA TYR B 263 3.75 -32.42 18.71
C TYR B 263 2.75 -33.48 18.24
N GLY B 264 2.23 -34.28 19.17
CA GLY B 264 1.31 -35.35 18.82
C GLY B 264 1.92 -36.57 18.13
N MET B 265 3.24 -36.60 17.92
CA MET B 265 3.87 -37.80 17.30
C MET B 265 3.94 -38.99 18.26
N PRO B 266 3.81 -40.23 17.75
CA PRO B 266 3.75 -41.38 18.68
C PRO B 266 5.15 -41.69 19.24
N GLY B 267 5.20 -42.20 20.47
CA GLY B 267 6.48 -42.44 21.15
C GLY B 267 7.25 -41.15 21.42
N MET B 268 6.50 -40.06 21.58
CA MET B 268 7.08 -38.83 22.06
C MET B 268 6.59 -38.69 23.51
N SER B 269 7.41 -38.14 24.40
CA SER B 269 7.01 -37.90 25.79
C SER B 269 6.28 -36.59 25.94
N SER B 270 5.52 -36.44 27.02
CA SER B 270 4.80 -35.21 27.26
C SER B 270 4.51 -35.00 28.75
N LEU B 271 4.43 -33.74 29.17
CA LEU B 271 4.13 -33.39 30.57
C LEU B 271 3.26 -32.18 30.61
N GLN B 272 2.66 -31.94 31.79
CA GLN B 272 2.01 -30.67 32.07
C GLN B 272 2.99 -29.65 32.60
N ASP B 273 2.95 -28.46 32.02
CA ASP B 273 3.74 -27.42 32.58
C ASP B 273 3.06 -26.85 33.81
N ARG B 274 3.60 -25.74 34.31
CA ARG B 274 3.09 -25.10 35.49
C ARG B 274 1.68 -24.69 35.30
N HIS B 275 1.27 -24.46 34.07
CA HIS B 275 -0.04 -23.87 33.85
C HIS B 275 -1.10 -24.79 33.30
N GLY B 276 -0.83 -26.08 33.21
CA GLY B 276 -1.82 -27.02 32.71
C GLY B 276 -1.57 -27.43 31.28
N ARG B 277 -0.65 -26.77 30.58
CA ARG B 277 -0.49 -27.03 29.15
C ARG B 277 0.47 -28.17 28.86
N THR B 278 0.12 -29.01 27.89
CA THR B 278 0.92 -30.20 27.54
C THR B 278 2.06 -29.75 26.68
N ILE B 279 3.27 -30.14 27.06
CA ILE B 279 4.49 -29.95 26.23
C ILE B 279 4.95 -31.33 25.69
N TRP B 280 5.21 -31.41 24.39
CA TRP B 280 5.63 -32.64 23.72
C TRP B 280 7.10 -32.54 23.45
N PHE B 281 7.84 -33.63 23.74
CA PHE B 281 9.29 -33.68 23.60
C PHE B 281 9.81 -35.13 23.58
N GLN B 282 11.11 -35.25 23.39
CA GLN B 282 11.79 -36.52 23.47
C GLN B 282 13.00 -36.37 24.40
N GLY B 283 13.15 -37.33 25.30
CA GLY B 283 14.34 -37.39 26.11
C GLY B 283 14.21 -36.78 27.49
N ASP B 284 15.29 -36.12 27.91
CA ASP B 284 15.40 -35.54 29.24
C ASP B 284 14.38 -34.49 29.38
N PRO B 285 13.48 -34.65 30.36
CA PRO B 285 12.47 -33.63 30.63
C PRO B 285 13.06 -32.30 31.12
N GLY B 286 14.24 -32.32 31.76
CA GLY B 286 14.88 -31.10 32.28
C GLY B 286 14.63 -30.91 33.77
N PRO B 287 15.39 -30.01 34.42
CA PRO B 287 15.47 -29.82 35.88
C PRO B 287 14.23 -29.31 36.56
N LEU B 288 13.69 -28.17 36.10
CA LEU B 288 12.70 -27.49 36.93
C LEU B 288 11.25 -27.92 36.63
N ALA B 289 11.06 -29.23 36.46
CA ALA B 289 9.76 -29.84 36.16
C ALA B 289 8.80 -29.90 37.38
N PRO B 290 7.48 -29.95 37.14
CA PRO B 290 6.54 -30.08 38.23
C PRO B 290 6.27 -31.53 38.55
N PRO C 2 -14.42 16.18 -19.98
CA PRO C 2 -15.21 15.87 -18.82
C PRO C 2 -16.54 15.19 -19.17
N GLU C 3 -17.16 14.67 -18.11
CA GLU C 3 -18.39 13.92 -18.22
C GLU C 3 -19.43 14.61 -17.34
N GLY C 4 -20.67 14.09 -17.35
CA GLY C 4 -21.78 14.70 -16.62
C GLY C 4 -21.47 15.25 -15.22
N PRO C 5 -20.80 14.45 -14.41
CA PRO C 5 -20.63 14.94 -13.07
C PRO C 5 -19.65 16.14 -12.94
N GLU C 6 -18.54 16.17 -13.69
CA GLU C 6 -17.69 17.36 -13.60
C GLU C 6 -18.42 18.61 -14.11
N LEU C 7 -19.39 18.43 -14.99
CA LEU C 7 -20.16 19.55 -15.47
C LEU C 7 -21.00 20.12 -14.33
N HIS C 8 -21.65 19.21 -13.61
CA HIS C 8 -22.46 19.57 -12.45
C HIS C 8 -21.61 20.31 -11.43
N LEU C 9 -20.49 19.73 -11.07
CA LEU C 9 -19.64 20.38 -10.08
C LEU C 9 -19.22 21.77 -10.53
N ALA C 10 -18.93 21.91 -11.82
CA ALA C 10 -18.63 23.21 -12.39
C ALA C 10 -19.77 24.19 -12.11
N SER C 11 -21.01 23.75 -12.34
CA SER C 11 -22.18 24.55 -12.00
C SER C 11 -22.22 24.95 -10.51
N GLN C 12 -21.90 24.03 -9.60
CA GLN C 12 -21.96 24.34 -8.17
C GLN C 12 -20.84 25.30 -7.73
N PHE C 13 -19.70 25.24 -8.41
CA PHE C 13 -18.59 26.15 -8.12
C PHE C 13 -18.89 27.56 -8.66
N VAL C 14 -19.39 27.64 -9.89
CA VAL C 14 -19.77 28.94 -10.46
C VAL C 14 -20.64 29.68 -9.47
N ASN C 15 -21.72 29.04 -9.04
CA ASN C 15 -22.55 29.58 -7.98
C ASN C 15 -21.70 29.86 -6.74
N GLU C 16 -21.26 28.81 -6.04
CA GLU C 16 -20.60 28.96 -4.73
C GLU C 16 -19.60 30.12 -4.59
N ALA C 17 -18.72 30.31 -5.56
CA ALA C 17 -17.77 31.43 -5.47
C ALA C 17 -18.28 32.73 -6.10
N CYS C 18 -19.39 32.68 -6.83
CA CYS C 18 -19.87 33.86 -7.58
C CYS C 18 -21.37 34.22 -7.45
N ARG C 19 -22.07 33.59 -6.51
CA ARG C 19 -23.42 34.03 -6.17
C ARG C 19 -23.38 35.40 -5.46
N ALA C 20 -22.27 35.67 -4.75
CA ALA C 20 -22.10 36.92 -4.01
C ALA C 20 -21.19 37.93 -4.71
N LEU C 21 -20.58 37.53 -5.82
CA LEU C 21 -19.70 38.45 -6.53
C LEU C 21 -20.46 39.38 -7.45
N VAL C 22 -19.92 40.60 -7.62
CA VAL C 22 -20.48 41.64 -8.49
C VAL C 22 -19.45 41.98 -9.58
N PHE C 23 -19.76 41.63 -10.82
CA PHE C 23 -18.86 41.90 -11.95
C PHE C 23 -19.17 43.25 -12.58
N GLY C 25 -17.70 45.08 -16.47
CA GLY C 25 -16.74 45.32 -17.53
C GLY C 25 -17.25 44.91 -18.90
N CYS C 26 -16.36 44.89 -19.88
CA CYS C 26 -16.72 44.51 -21.24
C CYS C 26 -16.32 43.07 -21.54
N GLU C 28 -14.72 39.68 -21.68
CA GLU C 28 -13.61 39.34 -22.60
C GLU C 28 -13.59 37.94 -23.23
N LYS C 29 -13.42 37.89 -24.55
CA LYS C 29 -12.97 36.66 -25.22
C LYS C 29 -11.47 36.76 -25.39
N SER C 30 -10.89 35.78 -26.07
CA SER C 30 -9.45 35.68 -26.25
C SER C 30 -9.05 35.73 -27.73
N SER C 31 -7.81 36.17 -27.98
CA SER C 31 -7.30 36.43 -29.32
C SER C 31 -6.94 35.19 -30.16
N VAL C 32 -7.16 33.99 -29.62
CA VAL C 32 -6.85 32.75 -30.35
C VAL C 32 -8.05 31.80 -30.52
N SER C 33 -9.10 32.04 -29.73
CA SER C 33 -10.35 31.28 -29.78
C SER C 33 -11.17 31.49 -31.04
N ARG C 34 -11.62 30.38 -31.63
CA ARG C 34 -12.53 30.35 -32.77
C ARG C 34 -14.00 30.23 -32.32
N ASN C 35 -14.22 30.42 -31.03
CA ASN C 35 -15.57 30.48 -30.52
C ASN C 35 -16.13 31.89 -30.65
N PRO C 36 -17.44 32.01 -30.95
CA PRO C 36 -18.17 33.26 -31.05
C PRO C 36 -17.81 34.29 -29.98
N GLU C 37 -17.75 35.54 -30.43
CA GLU C 37 -17.53 36.70 -29.59
C GLU C 37 -18.71 36.85 -28.67
N VAL C 38 -18.44 37.30 -27.44
CA VAL C 38 -19.49 37.52 -26.44
C VAL C 38 -19.91 39.00 -26.30
N PRO C 39 -20.93 39.45 -27.09
CA PRO C 39 -21.35 40.84 -26.97
C PRO C 39 -22.20 40.99 -25.71
N PHE C 40 -21.61 41.63 -24.71
CA PHE C 40 -22.18 41.79 -23.37
C PHE C 40 -21.31 42.71 -22.54
N GLU C 41 -21.94 43.68 -21.89
CA GLU C 41 -21.28 44.46 -20.85
C GLU C 41 -22.29 45.17 -19.95
N SER C 42 -21.86 45.57 -18.75
CA SER C 42 -22.72 46.34 -17.86
C SER C 42 -22.11 46.74 -16.52
N SER C 43 -22.67 47.77 -15.92
CA SER C 43 -22.11 48.41 -14.74
C SER C 43 -21.82 47.44 -13.59
N ALA C 44 -22.57 46.33 -13.55
CA ALA C 44 -22.40 45.31 -12.53
C ALA C 44 -23.42 44.20 -12.70
N TYR C 45 -23.18 43.05 -12.06
CA TYR C 45 -24.11 41.93 -12.20
C TYR C 45 -23.62 40.67 -11.43
N ARG C 46 -24.52 39.75 -11.06
CA ARG C 46 -24.07 38.48 -10.48
C ARG C 46 -24.03 37.45 -11.61
N ILE C 47 -23.34 36.34 -11.39
CA ILE C 47 -23.32 35.25 -12.36
C ILE C 47 -23.84 33.99 -11.69
N SER C 48 -24.43 33.10 -12.48
CA SER C 48 -25.00 31.85 -11.99
C SER C 48 -24.97 30.74 -13.05
N ALA C 49 -25.22 29.50 -12.62
CA ALA C 49 -25.14 28.32 -13.50
C ALA C 49 -26.17 27.21 -13.23
N SER C 50 -26.52 26.51 -14.31
CA SER C 50 -27.24 25.22 -14.25
C SER C 50 -26.43 24.23 -15.09
N ALA C 51 -26.87 22.97 -15.15
CA ALA C 51 -26.23 21.96 -16.02
C ALA C 51 -27.15 20.80 -16.40
N ARG C 52 -26.98 20.26 -17.61
CA ARG C 52 -27.81 19.15 -18.12
C ARG C 52 -26.97 18.20 -18.97
N GLY C 53 -26.51 17.12 -18.34
CA GLY C 53 -25.61 16.17 -18.97
C GLY C 53 -24.18 16.70 -19.15
N LYS C 54 -23.66 16.55 -20.35
CA LYS C 54 -22.36 17.12 -20.70
C LYS C 54 -22.42 18.60 -21.12
N GLU C 55 -23.33 19.39 -20.52
CA GLU C 55 -23.64 20.78 -20.94
C GLU C 55 -23.88 21.78 -19.80
N LEU C 56 -23.32 22.99 -19.92
CA LEU C 56 -23.34 23.99 -18.85
C LEU C 56 -23.77 25.35 -19.34
N ARG C 57 -24.70 25.96 -18.63
CA ARG C 57 -25.29 27.23 -19.03
C ARG C 57 -24.98 28.31 -17.98
N LEU C 58 -24.36 29.40 -18.44
CA LEU C 58 -24.00 30.53 -17.57
C LEU C 58 -24.97 31.70 -17.68
N ILE C 59 -25.41 32.22 -16.53
CA ILE C 59 -26.41 33.28 -16.50
C ILE C 59 -25.80 34.56 -15.95
N LEU C 60 -25.94 35.62 -16.74
CA LEU C 60 -25.40 36.93 -16.40
C LEU C 60 -26.53 37.93 -16.09
N SER C 61 -27.51 37.49 -15.30
CA SER C 61 -28.67 38.31 -14.95
C SER C 61 -28.25 39.65 -14.34
N PRO C 62 -28.65 40.77 -14.99
CA PRO C 62 -28.42 42.17 -14.56
C PRO C 62 -29.14 42.57 -13.25
N LEU C 63 -28.32 43.18 -12.39
CA LEU C 63 -28.65 43.69 -11.08
C LEU C 63 -29.42 44.97 -11.25
N PRO C 64 -30.20 45.36 -10.15
CA PRO C 64 -30.95 46.60 -10.40
C PRO C 64 -30.01 47.72 -10.75
N GLY C 65 -30.49 48.75 -11.44
CA GLY C 65 -29.63 49.83 -11.86
C GLY C 65 -28.91 49.53 -13.16
N ALA C 66 -27.63 49.19 -13.07
CA ALA C 66 -26.80 48.92 -14.23
C ALA C 66 -26.28 50.20 -14.86
N PRO C 68 -26.33 50.08 -18.72
CA PRO C 68 -27.55 50.29 -19.48
C PRO C 68 -28.45 49.13 -19.28
N GLN C 69 -29.57 49.12 -19.98
CA GLN C 69 -30.44 47.97 -19.94
C GLN C 69 -29.80 46.89 -20.76
N GLN C 70 -30.17 45.67 -20.43
CA GLN C 70 -29.71 44.45 -21.07
C GLN C 70 -30.56 43.27 -20.63
N GLU C 71 -30.96 42.47 -21.60
CA GLU C 71 -31.76 41.27 -21.37
C GLU C 71 -30.85 40.22 -20.74
N PRO C 72 -31.19 39.71 -19.54
CA PRO C 72 -30.39 38.65 -18.95
C PRO C 72 -29.97 37.59 -19.98
N LEU C 73 -28.73 37.68 -20.46
CA LEU C 73 -28.21 36.75 -21.49
C LEU C 73 -27.59 35.51 -20.88
N ALA C 74 -27.65 34.39 -21.61
CA ALA C 74 -27.23 33.11 -21.08
C ALA C 74 -26.50 32.26 -22.13
N LEU C 75 -25.30 31.82 -21.78
CA LEU C 75 -24.43 31.04 -22.67
C LEU C 75 -24.55 29.54 -22.43
N VAL C 76 -24.17 28.76 -23.44
CA VAL C 76 -24.05 27.31 -23.32
C VAL C 76 -22.63 26.88 -23.63
N PHE C 77 -21.98 26.28 -22.64
CA PHE C 77 -20.66 25.69 -22.83
C PHE C 77 -20.73 24.16 -23.04
N ARG C 78 -19.83 23.63 -23.83
CA ARG C 78 -19.52 22.21 -23.86
C ARG C 78 -18.05 22.18 -23.54
N PHE C 79 -17.54 21.09 -22.99
CA PHE C 79 -16.18 21.10 -22.44
C PHE C 79 -15.13 20.37 -23.30
N GLY C 80 -15.57 19.47 -24.17
CA GLY C 80 -14.66 18.59 -24.89
C GLY C 80 -13.74 17.88 -23.91
N MET C 81 -12.48 17.65 -24.30
CA MET C 81 -11.50 16.99 -23.43
C MET C 81 -11.04 17.75 -22.16
N SER C 82 -11.17 19.07 -22.13
CA SER C 82 -10.47 19.82 -21.08
C SER C 82 -11.11 21.11 -20.63
N GLY C 83 -12.37 21.35 -20.96
CA GLY C 83 -13.06 22.50 -20.40
C GLY C 83 -12.95 22.52 -18.87
N SER C 84 -12.98 23.70 -18.27
CA SER C 84 -13.05 23.91 -16.83
C SER C 84 -13.58 25.31 -16.54
N PHE C 85 -13.38 25.79 -15.31
CA PHE C 85 -13.63 27.18 -14.92
C PHE C 85 -12.71 27.54 -13.77
N GLN C 86 -12.40 28.84 -13.65
CA GLN C 86 -11.56 29.33 -12.55
C GLN C 86 -11.91 30.73 -12.03
N LEU C 87 -11.62 30.95 -10.76
CA LEU C 87 -11.70 32.28 -10.17
C LEU C 87 -10.29 32.67 -9.71
N VAL C 88 -9.75 33.74 -10.28
CA VAL C 88 -8.39 34.19 -9.97
C VAL C 88 -8.35 35.71 -9.87
N PRO C 89 -7.25 36.27 -9.32
CA PRO C 89 -7.00 37.70 -9.49
C PRO C 89 -6.87 38.05 -10.96
N ARG C 90 -7.52 39.14 -11.38
CA ARG C 90 -7.47 39.63 -12.76
C ARG C 90 -6.04 39.65 -13.31
N GLU C 91 -5.07 39.82 -12.41
CA GLU C 91 -3.65 39.96 -12.77
C GLU C 91 -2.98 38.65 -13.21
N GLU C 92 -3.17 37.60 -12.41
CA GLU C 92 -2.58 36.30 -12.71
C GLU C 92 -3.60 35.39 -13.40
N LEU C 93 -3.94 35.70 -14.65
CA LEU C 93 -4.76 34.82 -15.47
C LEU C 93 -4.01 33.55 -15.81
N PRO C 94 -4.72 32.41 -15.84
CA PRO C 94 -4.09 31.14 -16.20
C PRO C 94 -3.83 31.09 -17.69
N ARG C 95 -2.90 30.21 -18.10
CA ARG C 95 -2.34 30.14 -19.47
C ARG C 95 -3.38 30.05 -20.60
N HIS C 96 -4.43 29.25 -20.43
CA HIS C 96 -5.40 29.09 -21.49
C HIS C 96 -6.76 29.63 -21.09
N ALA C 97 -6.77 30.70 -20.30
CA ALA C 97 -7.98 31.44 -19.99
C ALA C 97 -8.54 32.03 -21.29
N HIS C 98 -9.63 31.43 -21.80
CA HIS C 98 -10.13 31.76 -23.15
C HIS C 98 -11.30 32.72 -23.13
N LEU C 99 -11.94 32.86 -21.98
CA LEU C 99 -13.09 33.76 -21.85
C LEU C 99 -13.13 34.27 -20.43
N ARG C 100 -13.15 35.59 -20.28
CA ARG C 100 -12.90 36.19 -18.96
C ARG C 100 -14.03 37.12 -18.47
N PHE C 101 -14.27 37.12 -17.17
CA PHE C 101 -15.27 37.98 -16.55
C PHE C 101 -14.63 38.66 -15.33
N TYR C 102 -14.91 39.94 -15.15
CA TYR C 102 -14.18 40.76 -14.19
C TYR C 102 -15.04 41.30 -13.06
N THR C 103 -14.43 41.45 -11.88
CA THR C 103 -15.08 42.12 -10.76
C THR C 103 -14.92 43.66 -10.82
N ALA C 104 -16.02 44.38 -10.60
CA ALA C 104 -16.12 45.83 -10.83
C ALA C 104 -15.12 46.67 -10.03
N PRO C 105 -15.03 47.97 -10.35
CA PRO C 105 -14.24 48.88 -9.51
C PRO C 105 -14.52 48.67 -8.01
N PRO C 106 -15.80 48.68 -7.59
CA PRO C 106 -16.07 48.24 -6.22
C PRO C 106 -15.58 46.81 -5.94
N GLY C 107 -15.22 46.54 -4.69
CA GLY C 107 -14.88 45.18 -4.23
C GLY C 107 -13.50 44.65 -4.63
N PRO C 108 -13.22 43.37 -4.26
CA PRO C 108 -11.95 42.71 -4.58
C PRO C 108 -11.70 42.74 -6.09
N ARG C 109 -10.44 42.72 -6.50
CA ARG C 109 -10.11 42.74 -7.94
C ARG C 109 -9.79 41.32 -8.41
N LEU C 110 -10.76 40.68 -9.07
CA LEU C 110 -10.67 39.26 -9.45
C LEU C 110 -11.28 38.95 -10.84
N ALA C 111 -11.05 37.73 -11.32
CA ALA C 111 -11.55 37.31 -12.61
C ALA C 111 -12.05 35.85 -12.65
N LEU C 112 -13.29 35.69 -13.15
CA LEU C 112 -13.84 34.39 -13.53
C LEU C 112 -13.48 34.13 -14.98
N CYS C 113 -12.76 33.05 -15.21
CA CYS C 113 -12.32 32.69 -16.56
C CYS C 113 -12.68 31.25 -16.89
N PHE C 114 -13.21 31.04 -18.09
CA PHE C 114 -13.32 29.69 -18.63
C PHE C 114 -11.93 29.24 -19.10
N VAL C 115 -11.57 27.98 -18.81
CA VAL C 115 -10.22 27.47 -19.12
C VAL C 115 -10.25 26.14 -19.87
N ASP C 116 -9.75 26.15 -21.10
CA ASP C 116 -9.75 24.99 -21.95
C ASP C 116 -8.38 24.88 -22.60
N ILE C 117 -7.67 23.82 -22.27
CA ILE C 117 -6.37 23.68 -22.85
C ILE C 117 -6.45 23.09 -24.27
N ARG C 118 -7.30 22.11 -24.47
CA ARG C 118 -7.42 21.43 -25.76
C ARG C 118 -8.04 22.30 -26.81
N ARG C 119 -8.94 23.20 -26.38
CA ARG C 119 -9.76 23.98 -27.30
C ARG C 119 -10.75 23.10 -28.10
N PHE C 120 -11.16 21.98 -27.51
CA PHE C 120 -12.13 21.11 -28.16
C PHE C 120 -13.52 21.53 -27.73
N GLY C 121 -13.57 22.16 -26.55
CA GLY C 121 -14.73 22.88 -26.08
C GLY C 121 -15.22 23.95 -27.04
N ARG C 122 -16.55 24.01 -27.18
CA ARG C 122 -17.26 25.02 -27.96
C ARG C 122 -18.30 25.75 -27.07
N TRP C 123 -18.43 27.08 -27.22
CA TRP C 123 -19.52 27.85 -26.57
C TRP C 123 -20.39 28.60 -27.58
N ASP C 124 -21.71 28.51 -27.39
CA ASP C 124 -22.70 29.13 -28.30
C ASP C 124 -23.38 30.34 -27.72
N LEU C 125 -23.59 31.32 -28.59
CA LEU C 125 -24.50 32.43 -28.36
C LEU C 125 -25.95 31.90 -28.24
N GLY C 126 -26.63 32.34 -27.18
CA GLY C 126 -27.99 31.93 -26.88
C GLY C 126 -28.14 30.61 -26.17
N LYS C 128 -30.15 27.63 -25.03
CA LYS C 128 -30.46 26.25 -25.40
C LYS C 128 -29.80 24.87 -25.52
N TRP C 129 -30.35 23.90 -24.82
CA TRP C 129 -29.82 22.54 -24.85
C TRP C 129 -29.82 21.98 -26.27
N GLN C 130 -28.66 21.52 -26.72
CA GLN C 130 -28.52 20.95 -28.05
C GLN C 130 -29.59 19.91 -28.33
N PRO C 131 -30.38 20.15 -29.37
CA PRO C 131 -31.45 19.23 -29.75
C PRO C 131 -30.87 17.87 -30.08
N GLY C 132 -31.70 16.84 -30.00
CA GLY C 132 -31.29 15.48 -30.34
C GLY C 132 -30.76 14.69 -29.15
N ARG C 133 -30.12 15.38 -28.21
CA ARG C 133 -29.61 14.69 -27.01
C ARG C 133 -30.71 14.41 -26.00
N GLY C 134 -30.71 13.16 -25.52
CA GLY C 134 -31.63 12.70 -24.47
C GLY C 134 -31.48 13.43 -23.15
N PRO C 135 -32.38 13.15 -22.20
CA PRO C 135 -32.44 13.75 -20.85
C PRO C 135 -31.21 13.46 -19.95
N CYS C 136 -30.99 14.29 -18.91
CA CYS C 136 -29.80 14.22 -18.06
C CYS C 136 -29.92 13.12 -17.05
N VAL C 137 -28.93 12.26 -16.97
CA VAL C 137 -29.01 11.13 -16.04
C VAL C 137 -29.00 11.58 -14.58
N LEU C 138 -28.13 12.52 -14.24
CA LEU C 138 -28.04 13.04 -12.88
C LEU C 138 -29.31 13.83 -12.51
N GLN C 139 -29.66 14.81 -13.34
CA GLN C 139 -30.82 15.66 -13.07
C GLN C 139 -32.14 14.95 -13.32
N GLU C 140 -32.48 14.76 -14.59
CA GLU C 140 -33.77 14.20 -14.99
C GLU C 140 -33.70 12.68 -15.21
N TYR C 141 -33.84 11.86 -14.17
CA TYR C 141 -33.72 10.39 -14.35
C TYR C 141 -34.93 9.65 -14.94
N GLN C 142 -36.13 9.85 -14.37
CA GLN C 142 -37.32 9.15 -14.86
C GLN C 142 -37.55 9.44 -16.33
N GLN C 143 -37.31 10.69 -16.69
CA GLN C 143 -37.37 11.09 -18.10
C GLN C 143 -36.30 10.36 -18.92
N PHE C 144 -35.05 10.38 -18.44
CA PHE C 144 -33.96 9.58 -19.04
C PHE C 144 -34.33 8.10 -19.19
N ARG C 145 -34.80 7.49 -18.11
CA ARG C 145 -35.13 6.06 -18.10
C ARG C 145 -36.14 5.71 -19.19
N GLU C 146 -37.28 6.39 -19.15
CA GLU C 146 -38.38 6.07 -20.04
C GLU C 146 -38.03 6.37 -21.50
N ASN C 147 -37.23 7.40 -21.73
CA ASN C 147 -36.75 7.73 -23.06
C ASN C 147 -35.92 6.60 -23.66
N VAL C 148 -35.10 5.95 -22.83
CA VAL C 148 -34.26 4.85 -23.30
C VAL C 148 -35.13 3.62 -23.54
N LEU C 149 -35.85 3.21 -22.50
CA LEU C 149 -36.76 2.07 -22.62
C LEU C 149 -37.83 2.21 -23.70
N ARG C 150 -38.32 3.44 -23.90
CA ARG C 150 -39.32 3.74 -24.92
C ARG C 150 -38.88 3.34 -26.34
N ASN C 151 -37.61 3.59 -26.69
CA ASN C 151 -37.16 3.39 -28.06
C ASN C 151 -36.17 2.25 -28.27
N LEU C 152 -36.47 1.10 -27.69
CA LEU C 152 -35.70 -0.12 -27.93
C LEU C 152 -36.06 -0.73 -29.29
N ASP C 154 -34.48 1.42 -32.18
CA ASP C 154 -33.68 2.42 -32.88
C ASP C 154 -32.26 1.94 -33.18
N LYS C 155 -31.58 2.70 -34.03
CA LYS C 155 -30.28 2.32 -34.60
C LYS C 155 -29.19 2.11 -33.56
N ALA C 156 -29.16 2.99 -32.55
CA ALA C 156 -28.08 2.98 -31.58
C ALA C 156 -27.93 1.64 -30.83
N PHE C 157 -29.05 0.96 -30.59
CA PHE C 157 -29.02 -0.25 -29.75
C PHE C 157 -28.55 -1.46 -30.53
N ASP C 158 -28.27 -1.24 -31.80
CA ASP C 158 -27.71 -2.27 -32.64
C ASP C 158 -26.23 -2.47 -32.30
N ARG C 159 -25.57 -1.42 -31.81
CA ARG C 159 -24.12 -1.46 -31.51
C ARG C 159 -23.82 -2.16 -30.16
N PRO C 160 -22.52 -2.39 -29.82
CA PRO C 160 -22.26 -2.91 -28.46
C PRO C 160 -22.62 -1.89 -27.38
N ILE C 161 -22.96 -2.40 -26.21
CA ILE C 161 -23.43 -1.57 -25.11
C ILE C 161 -22.39 -0.48 -24.71
N CYS C 162 -21.12 -0.84 -24.64
CA CYS C 162 -20.11 0.17 -24.32
C CYS C 162 -20.07 1.34 -25.33
N GLU C 163 -20.57 1.11 -26.55
CA GLU C 163 -20.76 2.20 -27.53
C GLU C 163 -22.13 2.84 -27.32
N ALA C 164 -23.18 2.02 -27.20
CA ALA C 164 -24.49 2.54 -26.85
C ALA C 164 -24.30 3.59 -25.75
N LEU C 165 -23.62 3.22 -24.68
CA LEU C 165 -23.47 4.07 -23.49
C LEU C 165 -22.85 5.45 -23.66
N LEU C 166 -22.01 5.66 -24.68
CA LEU C 166 -21.53 7.02 -24.97
C LEU C 166 -22.43 7.82 -25.92
N ASP C 167 -23.43 7.14 -26.52
CA ASP C 167 -24.40 7.78 -27.45
C ASP C 167 -25.29 8.75 -26.71
N GLN C 168 -24.90 10.02 -26.76
CA GLN C 168 -25.57 11.08 -26.03
C GLN C 168 -27.06 11.32 -26.38
N ARG C 169 -27.63 10.57 -27.31
CA ARG C 169 -29.06 10.72 -27.64
C ARG C 169 -29.92 9.93 -26.68
N PHE C 170 -29.26 9.10 -25.90
CA PHE C 170 -29.96 8.28 -24.92
C PHE C 170 -29.35 8.46 -23.56
N PHE C 171 -28.02 8.51 -23.54
CA PHE C 171 -27.28 8.50 -22.30
C PHE C 171 -26.53 9.83 -22.12
N ASN C 172 -27.26 10.95 -22.21
CA ASN C 172 -26.60 12.26 -22.06
C ASN C 172 -25.93 12.42 -20.68
N GLY C 173 -24.61 12.53 -20.69
CA GLY C 173 -23.83 12.71 -19.46
C GLY C 173 -22.77 11.66 -19.27
N ILE C 174 -22.97 10.52 -19.93
CA ILE C 174 -22.14 9.33 -19.77
C ILE C 174 -20.91 9.43 -20.64
N GLY C 175 -19.72 9.36 -20.03
CA GLY C 175 -18.46 9.33 -20.76
C GLY C 175 -17.66 8.06 -20.54
N ASN C 176 -16.46 8.05 -21.11
CA ASN C 176 -15.53 6.90 -21.07
C ASN C 176 -15.25 6.28 -19.70
N TYR C 177 -15.05 7.12 -18.69
CA TYR C 177 -14.79 6.57 -17.36
C TYR C 177 -16.05 6.03 -16.74
N LEU C 178 -17.20 6.58 -17.13
CA LEU C 178 -18.44 6.19 -16.49
C LEU C 178 -18.97 4.91 -17.05
N ARG C 179 -18.83 4.73 -18.35
CA ARG C 179 -19.37 3.53 -18.99
C ARG C 179 -18.66 2.32 -18.44
N ALA C 180 -17.33 2.45 -18.37
CA ALA C 180 -16.46 1.43 -17.78
C ALA C 180 -16.94 1.05 -16.40
N GLU C 181 -17.01 2.07 -15.54
CA GLU C 181 -17.38 1.92 -14.11
C GLU C 181 -18.76 1.34 -13.94
N ILE C 182 -19.70 1.74 -14.81
CA ILE C 182 -21.06 1.21 -14.79
C ILE C 182 -21.10 -0.25 -15.24
N LEU C 183 -20.48 -0.54 -16.37
CA LEU C 183 -20.48 -1.90 -16.91
C LEU C 183 -19.83 -2.85 -15.93
N TYR C 184 -18.63 -2.48 -15.49
CA TYR C 184 -17.84 -3.29 -14.53
C TYR C 184 -18.60 -3.73 -13.25
N ARG C 185 -19.61 -2.94 -12.84
CA ARG C 185 -20.42 -3.18 -11.63
C ARG C 185 -21.52 -4.23 -11.74
N LEU C 186 -21.74 -4.75 -12.93
CA LEU C 186 -22.75 -5.76 -13.10
C LEU C 186 -22.13 -6.93 -13.81
N LYS C 187 -20.82 -6.81 -14.06
CA LYS C 187 -20.06 -7.74 -14.91
C LYS C 187 -20.76 -7.97 -16.27
N ILE C 188 -21.15 -6.88 -16.93
CA ILE C 188 -21.73 -6.97 -18.27
C ILE C 188 -20.61 -6.89 -19.31
N PRO C 189 -20.48 -7.93 -20.17
CA PRO C 189 -19.53 -7.92 -21.29
C PRO C 189 -19.77 -6.69 -22.18
N PRO C 190 -18.78 -5.77 -22.30
CA PRO C 190 -18.95 -4.48 -23.01
C PRO C 190 -19.31 -4.63 -24.51
N PHE C 191 -18.89 -5.74 -25.12
CA PHE C 191 -19.27 -6.02 -26.50
C PHE C 191 -20.44 -7.02 -26.64
N GLU C 192 -21.29 -7.06 -25.61
CA GLU C 192 -22.64 -7.57 -25.75
C GLU C 192 -23.42 -6.48 -26.49
N LYS C 193 -24.26 -6.88 -27.44
CA LYS C 193 -25.11 -5.94 -28.17
C LYS C 193 -26.02 -5.20 -27.20
N ALA C 194 -26.03 -3.88 -27.30
CA ALA C 194 -26.88 -3.02 -26.47
C ALA C 194 -28.33 -3.51 -26.30
N ARG C 195 -29.00 -3.84 -27.39
CA ARG C 195 -30.40 -4.29 -27.35
C ARG C 195 -30.53 -5.48 -26.41
N SER C 196 -29.72 -6.51 -26.66
CA SER C 196 -29.78 -7.76 -25.89
C SER C 196 -29.96 -7.46 -24.41
N VAL C 197 -28.96 -6.79 -23.86
CA VAL C 197 -28.96 -6.40 -22.45
C VAL C 197 -30.25 -5.67 -22.08
N LEU C 198 -30.45 -4.49 -22.66
CA LEU C 198 -31.54 -3.56 -22.28
C LEU C 198 -32.98 -4.08 -22.27
N GLU C 199 -33.21 -5.27 -22.85
CA GLU C 199 -34.56 -5.86 -22.96
C GLU C 199 -35.12 -6.25 -21.61
N ALA C 200 -34.28 -6.90 -20.81
CA ALA C 200 -34.66 -7.34 -19.48
C ALA C 200 -35.65 -6.37 -18.79
N LEU C 201 -35.19 -5.14 -18.61
CA LEU C 201 -35.79 -4.18 -17.69
C LEU C 201 -37.14 -3.57 -18.13
N GLN C 202 -37.67 -4.06 -19.26
CA GLN C 202 -38.92 -3.55 -19.85
C GLN C 202 -40.12 -3.68 -18.89
N THR C 211 -43.23 -1.84 -4.90
CA THR C 211 -43.34 -1.51 -3.45
C THR C 211 -41.95 -1.22 -2.87
N LEU C 212 -41.87 -0.83 -1.59
CA LEU C 212 -40.59 -0.70 -0.87
C LEU C 212 -40.42 -1.83 0.17
N SER C 213 -41.51 -2.56 0.42
CA SER C 213 -41.47 -3.87 1.08
C SER C 213 -40.94 -4.90 0.09
N GLN C 214 -40.75 -4.46 -1.15
CA GLN C 214 -40.21 -5.29 -2.24
C GLN C 214 -39.22 -4.56 -3.18
N LYS C 215 -38.99 -3.26 -2.94
CA LYS C 215 -37.92 -2.51 -3.64
C LYS C 215 -36.56 -2.70 -2.97
N ILE C 216 -36.57 -2.78 -1.64
CA ILE C 216 -35.36 -3.02 -0.84
C ILE C 216 -34.93 -4.51 -0.92
N THR C 218 -35.52 -7.59 -3.66
CA THR C 218 -34.85 -8.17 -4.85
C THR C 218 -34.56 -7.17 -6.01
N LYS C 219 -34.49 -5.87 -5.69
CA LYS C 219 -34.07 -4.84 -6.69
C LYS C 219 -32.99 -3.87 -6.20
N LEU C 220 -33.01 -3.51 -4.92
CA LEU C 220 -31.92 -2.72 -4.35
C LEU C 220 -30.63 -3.57 -4.35
N GLN C 221 -30.83 -4.89 -4.31
CA GLN C 221 -29.76 -5.89 -4.43
C GLN C 221 -29.52 -6.29 -5.90
N ASN C 222 -30.41 -5.85 -6.79
CA ASN C 222 -30.24 -5.98 -8.25
C ASN C 222 -30.44 -4.64 -8.98
N PRO C 223 -29.70 -3.57 -8.56
CA PRO C 223 -29.93 -2.31 -9.26
C PRO C 223 -29.59 -2.57 -10.71
N ASP C 224 -30.50 -2.21 -11.61
CA ASP C 224 -30.30 -2.51 -13.02
C ASP C 224 -29.41 -1.48 -13.69
N LEU C 225 -29.06 -1.77 -14.94
CA LEU C 225 -28.13 -0.96 -15.69
C LEU C 225 -28.57 0.48 -15.81
N LEU C 226 -29.86 0.70 -15.99
CA LEU C 226 -30.34 2.06 -16.13
C LEU C 226 -30.25 2.82 -14.83
N GLU C 227 -30.48 2.14 -13.70
CA GLU C 227 -30.30 2.74 -12.37
C GLU C 227 -28.84 3.14 -12.10
N LEU C 228 -27.92 2.27 -12.49
CA LEU C 228 -26.51 2.57 -12.37
C LEU C 228 -26.15 3.87 -13.06
N CYS C 229 -26.80 4.12 -14.20
CA CYS C 229 -26.52 5.29 -15.02
C CYS C 229 -26.86 6.56 -14.27
N HIS C 230 -27.56 6.43 -13.16
CA HIS C 230 -27.86 7.60 -12.37
C HIS C 230 -27.03 7.59 -11.12
N SER C 231 -27.14 6.51 -10.35
CA SER C 231 -26.51 6.46 -9.04
C SER C 231 -25.00 6.62 -9.19
N VAL C 232 -24.40 5.80 -10.05
CA VAL C 232 -22.97 5.83 -10.24
C VAL C 232 -22.39 7.25 -10.53
N PRO C 233 -23.00 7.99 -11.45
CA PRO C 233 -22.54 9.36 -11.58
C PRO C 233 -22.69 10.15 -10.28
N LYS C 234 -23.80 9.93 -9.58
CA LYS C 234 -24.14 10.68 -8.38
C LYS C 234 -23.04 10.48 -7.34
N GLU C 235 -22.45 9.29 -7.35
CA GLU C 235 -21.37 8.98 -6.44
C GLU C 235 -20.21 9.94 -6.74
N VAL C 236 -19.94 10.13 -8.03
CA VAL C 236 -18.86 11.06 -8.42
C VAL C 236 -19.11 12.45 -7.91
N VAL C 237 -20.33 12.94 -8.06
CA VAL C 237 -20.64 14.26 -7.52
C VAL C 237 -20.36 14.41 -6.03
N GLN C 238 -20.93 13.51 -5.22
CA GLN C 238 -20.90 13.64 -3.78
C GLN C 238 -19.46 13.42 -3.39
N LEU C 239 -18.76 12.64 -4.21
CA LEU C 239 -17.34 12.39 -4.00
C LEU C 239 -16.52 13.66 -4.20
N GLY C 240 -16.76 14.35 -5.31
CA GLY C 240 -16.06 15.60 -5.61
C GLY C 240 -16.16 16.58 -4.47
N GLY C 241 -17.21 16.43 -3.65
CA GLY C 241 -17.46 17.32 -2.51
C GLY C 241 -17.61 18.76 -2.96
N LYS C 242 -16.89 19.66 -2.29
CA LYS C 242 -16.87 21.08 -2.64
C LYS C 242 -15.50 21.62 -3.04
N TYR C 244 -13.67 22.15 -6.42
CA TYR C 244 -13.41 22.33 -7.85
C TYR C 244 -12.84 23.72 -8.09
N GLY C 245 -11.73 23.78 -8.83
CA GLY C 245 -11.08 25.04 -9.19
C GLY C 245 -10.32 25.75 -8.08
N GLU C 247 -8.16 24.58 -4.44
CA GLU C 247 -6.78 24.17 -4.15
C GLU C 247 -6.55 22.65 -4.13
N SER C 248 -7.60 21.88 -3.79
CA SER C 248 -7.50 20.42 -3.66
C SER C 248 -8.07 19.66 -4.87
N GLY C 249 -7.85 20.20 -6.07
CA GLY C 249 -8.13 19.49 -7.32
C GLY C 249 -7.06 18.44 -7.60
N GLU C 250 -5.89 18.64 -6.98
CA GLU C 250 -4.79 17.67 -7.01
C GLU C 250 -5.09 16.53 -6.03
N GLU C 251 -5.81 16.85 -4.94
CA GLU C 251 -6.25 15.85 -3.96
C GLU C 251 -7.58 15.21 -4.39
N ASP C 252 -8.28 15.89 -5.29
CA ASP C 252 -9.47 15.33 -5.94
C ASP C 252 -9.10 14.46 -7.13
N PHE C 253 -7.98 14.77 -7.79
CA PHE C 253 -7.34 13.85 -8.73
C PHE C 253 -7.00 12.52 -8.05
N ALA C 254 -6.46 12.58 -6.82
CA ALA C 254 -6.12 11.39 -6.03
C ALA C 254 -7.37 10.58 -5.60
N ALA C 255 -8.33 11.31 -5.03
CA ALA C 255 -9.62 10.77 -4.60
C ALA C 255 -10.37 10.11 -5.77
N PHE C 256 -10.71 10.90 -6.78
CA PHE C 256 -11.40 10.36 -7.94
C PHE C 256 -10.73 9.09 -8.47
N ARG C 257 -9.44 9.18 -8.80
CA ARG C 257 -8.65 8.06 -9.32
C ARG C 257 -8.93 6.80 -8.47
N ALA C 258 -8.83 6.97 -7.16
CA ALA C 258 -9.00 5.90 -6.19
C ALA C 258 -10.45 5.48 -5.96
N TRP C 259 -11.40 6.26 -6.46
CA TRP C 259 -12.83 5.92 -6.38
C TRP C 259 -13.17 4.86 -7.42
N LEU C 260 -12.64 5.07 -8.62
CA LEU C 260 -12.83 4.16 -9.73
C LEU C 260 -12.54 2.76 -9.24
N ARG C 261 -13.33 1.81 -9.73
CA ARG C 261 -13.12 0.41 -9.49
C ARG C 261 -12.67 -0.29 -10.77
N CYS C 262 -12.42 0.46 -11.85
CA CYS C 262 -12.01 -0.19 -13.10
C CYS C 262 -11.20 0.62 -14.12
N TYR C 263 -11.69 1.79 -14.48
CA TYR C 263 -11.01 2.64 -15.44
C TYR C 263 -9.59 2.86 -14.98
N GLY C 264 -8.63 2.65 -15.87
CA GLY C 264 -7.22 2.95 -15.59
C GLY C 264 -6.56 2.14 -14.48
N MET C 265 -6.97 0.86 -14.35
CA MET C 265 -6.54 0.04 -13.22
C MET C 265 -5.56 -1.10 -13.57
N PRO C 266 -4.61 -1.41 -12.65
CA PRO C 266 -3.71 -2.56 -12.85
C PRO C 266 -4.47 -3.89 -12.82
N GLY C 267 -4.05 -4.82 -13.66
CA GLY C 267 -4.71 -6.12 -13.77
C GLY C 267 -6.12 -5.98 -14.30
N MET C 268 -6.26 -5.19 -15.36
CA MET C 268 -7.56 -4.89 -15.99
C MET C 268 -7.52 -4.93 -17.50
N SER C 269 -8.59 -5.43 -18.10
CA SER C 269 -8.72 -5.55 -19.55
C SER C 269 -8.86 -4.19 -20.25
N SER C 270 -8.49 -4.15 -21.53
CA SER C 270 -8.45 -2.93 -22.33
C SER C 270 -8.62 -3.27 -23.80
N LEU C 271 -9.52 -2.57 -24.46
CA LEU C 271 -9.83 -2.74 -25.89
C LEU C 271 -10.29 -1.41 -26.53
N GLN C 272 -10.35 -1.37 -27.86
CA GLN C 272 -10.85 -0.21 -28.59
C GLN C 272 -12.26 -0.47 -29.15
N ASP C 273 -13.16 0.49 -28.97
CA ASP C 273 -14.44 0.48 -29.68
C ASP C 273 -14.29 1.08 -31.11
N GLY C 276 -12.75 4.68 -31.73
CA GLY C 276 -11.32 4.85 -31.51
C GLY C 276 -10.95 4.91 -30.03
N ARG C 277 -11.90 4.54 -29.16
CA ARG C 277 -11.82 4.81 -27.72
C ARG C 277 -11.71 3.60 -26.77
N THR C 278 -10.73 3.70 -25.86
CA THR C 278 -10.49 2.67 -24.86
C THR C 278 -11.72 2.33 -23.99
N ILE C 279 -12.12 1.06 -24.03
CA ILE C 279 -12.99 0.51 -23.01
C ILE C 279 -12.19 -0.36 -21.99
N TRP C 280 -12.37 -0.08 -20.71
CA TRP C 280 -11.85 -0.93 -19.63
C TRP C 280 -12.97 -1.85 -19.05
N PHE C 281 -12.60 -3.09 -18.70
CA PHE C 281 -13.57 -4.10 -18.20
C PHE C 281 -12.90 -5.28 -17.46
N GLN C 282 -13.71 -6.20 -16.95
CA GLN C 282 -13.15 -7.41 -16.34
C GLN C 282 -13.58 -8.64 -17.11
N GLY C 283 -12.68 -9.61 -17.21
CA GLY C 283 -12.96 -10.92 -17.78
C GLY C 283 -13.31 -10.91 -19.24
N ASP C 284 -14.37 -11.61 -19.57
CA ASP C 284 -14.87 -11.77 -20.94
C ASP C 284 -15.25 -10.40 -21.60
N PRO C 285 -14.93 -10.23 -22.90
CA PRO C 285 -15.32 -9.07 -23.74
C PRO C 285 -16.69 -9.10 -24.45
N GLY C 286 -17.16 -10.29 -24.86
CA GLY C 286 -18.44 -10.46 -25.60
C GLY C 286 -18.40 -10.57 -27.13
N PRO C 287 -19.50 -11.09 -27.74
CA PRO C 287 -19.73 -11.33 -29.19
C PRO C 287 -19.24 -10.29 -30.24
N LEU C 288 -19.41 -9.00 -29.97
CA LEU C 288 -19.20 -8.00 -31.01
C LEU C 288 -17.82 -7.34 -30.97
N ALA C 289 -16.80 -8.08 -30.52
CA ALA C 289 -15.43 -7.58 -30.53
C ALA C 289 -14.94 -7.31 -31.98
N PRO C 290 -13.86 -6.50 -32.15
CA PRO C 290 -13.23 -6.31 -33.46
C PRO C 290 -11.89 -7.04 -33.60
#